data_3UFK
#
_entry.id   3UFK
#
_cell.length_a   69.500
_cell.length_b   105.870
_cell.length_c   151.520
_cell.angle_alpha   90.00
_cell.angle_beta   90.00
_cell.angle_gamma   90.00
#
_symmetry.space_group_name_H-M   'P 21 21 21'
#
loop_
_entity.id
_entity.type
_entity.pdbx_description
1 polymer UndA
2 non-polymer 'HEME C'
3 non-polymer 'CALCIUM ION'
4 non-polymer 'MAGNESIUM ION'
5 non-polymer 'FE (III) ION'
6 non-polymer 'OXYGEN ATOM'
7 non-polymer 'NITRILOTRIACETIC ACID'
8 non-polymer GLYCEROL
9 water water
#
_entity_poly.entity_id   1
_entity_poly.type   'polypeptide(L)'
_entity_poly.pdbx_seq_one_letter_code
;MSKKLLSVLFGASLAALALSPTAFAADQGGSDGKDGEDGKPGPVGLDISQATTLKATLEDVKIDNGTVSVDIVLTNANGV
PVTGLEQYAQINAIGLGIAKLTPESGKGYKTPQWVSYINSVKAADPARSLANYSYTDGKDSAGNPITKEVKFTPGDAIQA
NIESSCKTTCLTVVDSGVYRYTFQTNLSTLPAIEGLDLTYDPTLIHRITLELQTDGSKDAKLVNSHIDFLPSDNFRVAKE
TETRTVVDLEANCIKCHSTNYSDTSSTAKPLALHGGRRIGIANCQVCHTSYSKDPETGSPLDMGAMVHAIHKGTYAMVGY
SGTAYDFSGTMAKAAAESGYPQYREGKDVSERVTLPVSIGNCQSCHSTDDKGPVDAASFKHHKGLACASCHMSGFNPVDN
SEWLTPPEGQKDRGFVGNYFHYYATPEIDGIPGVNLVHVFQNGGCASCHAEQGEEGSAKYHLAKANATKLLRTEYAYKLE
NGTFDVAKGELTFTVNWHSDVAPHQDPKVKEFWVSLTAFNGTEYTMGPRPSNGTLGRSENRISVNLAKVETNANLTAVPN
GSKVTYTLTGIKAVIGTSSVPYKQIVSIGKGFMDGKLLICANSAELDPTMDAAIDCSNTEAPIYEVIVGSNKASFSADAS
NVTARSIVISEAKCANCHGEKADFSASHALTHAADKPDNSCGTCHSAVPNTAVALADGSCVACHNGAPAHSKKPFERGFD
FKVMIHQIHADTRSVRRLTTDAATFPENPANCAACHDKGQLSLATLGNKPAFLASTGEYSPTVAACASCHATTATDSAVI
GHFETNGGVYNAAAGTYTPGSETCATCHGEGKSFGVDKVHPVKYKGELKLEGKPIPNPLLGLDSTRTGHHHHHH
;
_entity_poly.pdbx_strand_id   A
#
loop_
_chem_comp.id
_chem_comp.type
_chem_comp.name
_chem_comp.formula
CA non-polymer 'CALCIUM ION' 'Ca 2'
FE non-polymer 'FE (III) ION' 'Fe 3'
GOL non-polymer GLYCEROL 'C3 H8 O3'
HEC non-polymer 'HEME C' 'C34 H34 Fe N4 O4'
MG non-polymer 'MAGNESIUM ION' 'Mg 2'
NTA non-polymer 'NITRILOTRIACETIC ACID' 'C6 H9 N O6'
O non-polymer 'OXYGEN ATOM' O
#
# COMPACT_ATOMS: atom_id res chain seq x y z
N GLY A 45 4.45 19.89 -41.29
CA GLY A 45 4.35 18.92 -40.16
C GLY A 45 4.93 17.57 -40.52
N LEU A 46 4.59 16.53 -39.76
CA LEU A 46 5.25 15.23 -39.91
C LEU A 46 4.19 14.14 -40.09
N ASP A 47 4.38 13.28 -41.09
CA ASP A 47 3.49 12.15 -41.25
C ASP A 47 3.45 11.22 -40.03
N ILE A 48 2.23 10.93 -39.59
CA ILE A 48 2.02 10.01 -38.48
C ILE A 48 2.79 8.70 -38.64
N SER A 49 2.93 8.21 -39.87
CA SER A 49 3.68 6.98 -40.09
C SER A 49 5.14 7.15 -39.63
N GLN A 50 5.60 8.39 -39.52
CA GLN A 50 7.01 8.62 -39.19
C GLN A 50 7.17 9.23 -37.80
N ALA A 51 6.07 9.67 -37.23
CA ALA A 51 6.06 10.19 -35.87
C ALA A 51 6.36 9.04 -34.88
N THR A 52 7.32 9.27 -34.00
CA THR A 52 7.71 8.27 -32.98
C THR A 52 6.96 8.50 -31.64
N THR A 53 6.48 9.72 -31.44
CA THR A 53 5.61 10.09 -30.32
C THR A 53 4.38 10.90 -30.80
N LEU A 54 3.25 10.77 -30.08
CA LEU A 54 2.11 11.69 -30.24
C LEU A 54 1.78 12.39 -28.94
N LYS A 55 1.36 13.65 -29.04
CA LYS A 55 0.63 14.33 -27.98
C LYS A 55 -0.67 14.88 -28.60
N ALA A 56 -1.69 15.01 -27.78
CA ALA A 56 -2.96 15.52 -28.25
C ALA A 56 -3.63 16.38 -27.19
N THR A 57 -4.16 17.52 -27.63
CA THR A 57 -4.91 18.44 -26.79
C THR A 57 -6.30 18.62 -27.40
N LEU A 58 -7.30 18.83 -26.56
CA LEU A 58 -8.70 19.04 -27.00
C LEU A 58 -9.12 20.51 -26.87
N GLU A 59 -9.77 21.02 -27.91
CA GLU A 59 -10.26 22.40 -27.89
C GLU A 59 -11.39 22.71 -28.88
N ASP A 60 -11.97 23.90 -28.70
CA ASP A 60 -12.90 24.48 -29.69
C ASP A 60 -14.15 23.59 -29.79
N VAL A 61 -14.70 23.21 -28.64
CA VAL A 61 -15.89 22.34 -28.63
C VAL A 61 -17.11 23.07 -29.23
N LYS A 62 -17.86 22.36 -30.07
CA LYS A 62 -19.14 22.84 -30.57
C LYS A 62 -20.23 21.80 -30.36
N ILE A 63 -21.35 22.27 -29.81
CA ILE A 63 -22.60 21.50 -29.74
C ILE A 63 -23.80 22.33 -30.28
N ASP A 64 -24.52 21.75 -31.24
CA ASP A 64 -25.49 22.51 -32.04
C ASP A 64 -26.57 21.58 -32.54
N ASN A 65 -27.81 21.82 -32.13
CA ASN A 65 -28.88 20.84 -32.34
C ASN A 65 -28.47 19.43 -31.96
N GLY A 66 -27.71 19.30 -30.87
CA GLY A 66 -27.26 17.98 -30.40
C GLY A 66 -26.07 17.36 -31.11
N THR A 67 -25.43 18.13 -31.98
CA THR A 67 -24.28 17.64 -32.75
C THR A 67 -22.98 18.13 -32.11
N VAL A 68 -22.17 17.18 -31.66
CA VAL A 68 -20.99 17.55 -30.90
C VAL A 68 -19.74 17.36 -31.76
N SER A 69 -18.96 18.40 -31.84
CA SER A 69 -17.65 18.26 -32.45
C SER A 69 -16.60 18.85 -31.51
N VAL A 70 -15.36 18.42 -31.68
CA VAL A 70 -14.26 19.00 -30.92
C VAL A 70 -12.95 18.96 -31.73
N ASP A 71 -12.05 19.93 -31.51
CA ASP A 71 -10.75 19.91 -32.20
C ASP A 71 -9.72 19.10 -31.41
N ILE A 72 -9.04 18.20 -32.11
CA ILE A 72 -7.89 17.44 -31.58
C ILE A 72 -6.60 17.97 -32.18
N VAL A 73 -5.89 18.81 -31.44
CA VAL A 73 -4.58 19.26 -31.85
C VAL A 73 -3.49 18.18 -31.64
N LEU A 74 -3.05 17.55 -32.74
CA LEU A 74 -2.10 16.45 -32.70
C LEU A 74 -0.68 16.89 -33.03
N THR A 75 0.23 16.65 -32.08
CA THR A 75 1.63 16.99 -32.28
C THR A 75 2.52 15.80 -31.93
N ASN A 76 3.83 15.95 -32.16
CA ASN A 76 4.80 15.04 -31.54
C ASN A 76 5.35 15.64 -30.26
N ALA A 77 6.18 14.87 -29.53
CA ALA A 77 6.72 15.37 -28.27
C ALA A 77 7.32 16.75 -28.45
N ASN A 78 7.95 16.98 -29.60
CA ASN A 78 8.58 18.26 -29.92
C ASN A 78 7.62 19.38 -30.33
N GLY A 79 6.34 19.04 -30.50
CA GLY A 79 5.33 20.05 -30.85
C GLY A 79 5.15 20.27 -32.34
N VAL A 80 5.76 19.38 -33.14
CA VAL A 80 5.55 19.40 -34.59
C VAL A 80 4.21 18.75 -34.89
N PRO A 81 3.34 19.46 -35.62
CA PRO A 81 2.03 18.97 -36.08
C PRO A 81 2.12 17.63 -36.79
N VAL A 82 1.28 16.69 -36.41
CA VAL A 82 1.35 15.36 -37.02
C VAL A 82 0.22 15.20 -38.01
N THR A 83 0.57 14.99 -39.27
CA THR A 83 -0.41 14.96 -40.36
C THR A 83 -0.70 13.50 -40.75
N GLY A 84 -1.81 13.27 -41.47
CA GLY A 84 -2.11 11.95 -42.04
C GLY A 84 -2.93 11.00 -41.18
N LEU A 85 -3.34 11.44 -39.99
CA LEU A 85 -4.12 10.56 -39.11
C LEU A 85 -5.32 9.99 -39.82
N GLU A 86 -6.04 10.86 -40.53
CA GLU A 86 -7.35 10.52 -41.09
C GLU A 86 -7.26 9.40 -42.13
N GLN A 87 -6.04 9.09 -42.57
CA GLN A 87 -5.88 7.97 -43.51
C GLN A 87 -5.07 6.80 -43.03
N TYR A 88 -4.64 6.83 -41.77
CA TYR A 88 -3.61 5.93 -41.28
C TYR A 88 -4.18 4.54 -41.05
N ALA A 89 -3.46 3.52 -41.50
CA ALA A 89 -3.99 2.17 -41.44
C ALA A 89 -3.57 1.42 -40.18
N GLN A 90 -2.79 2.06 -39.32
CA GLN A 90 -2.33 1.42 -38.08
C GLN A 90 -2.93 2.08 -36.83
N ILE A 91 -4.19 2.48 -36.90
CA ILE A 91 -4.85 3.10 -35.73
C ILE A 91 -5.53 2.02 -34.91
N ASN A 92 -5.13 1.88 -33.65
CA ASN A 92 -5.83 0.95 -32.75
C ASN A 92 -7.12 1.52 -32.12
N ALA A 93 -7.09 2.77 -31.70
CA ALA A 93 -8.29 3.35 -31.09
C ALA A 93 -8.32 4.86 -31.22
N ILE A 94 -9.52 5.38 -31.47
CA ILE A 94 -9.84 6.79 -31.30
C ILE A 94 -11.22 6.76 -30.65
N GLY A 95 -11.27 7.07 -29.36
CA GLY A 95 -12.49 6.87 -28.60
C GLY A 95 -12.80 8.21 -28.01
N LEU A 96 -14.03 8.68 -28.21
CA LEU A 96 -14.37 9.98 -27.65
C LEU A 96 -15.59 9.87 -26.80
N GLY A 97 -15.46 10.36 -25.55
CA GLY A 97 -16.56 10.28 -24.61
C GLY A 97 -17.04 11.67 -24.28
N ILE A 98 -18.28 11.78 -23.83
CA ILE A 98 -18.79 13.05 -23.35
C ILE A 98 -19.73 12.83 -22.17
N ALA A 99 -19.67 13.76 -21.20
CA ALA A 99 -20.39 13.60 -19.92
C ALA A 99 -20.75 14.96 -19.37
N LYS A 100 -21.75 14.96 -18.49
CA LYS A 100 -22.09 16.17 -17.76
C LYS A 100 -21.96 15.97 -16.26
N LEU A 101 -21.53 17.03 -15.57
CA LEU A 101 -21.39 16.98 -14.11
C LEU A 101 -22.70 17.43 -13.45
N THR A 102 -23.45 16.49 -12.90
CA THR A 102 -24.76 16.82 -12.31
C THR A 102 -24.79 16.96 -10.78
N PRO A 103 -25.58 17.93 -10.25
CA PRO A 103 -25.58 18.08 -8.80
C PRO A 103 -26.31 16.96 -8.10
N GLU A 104 -25.93 16.74 -6.84
CA GLU A 104 -26.59 15.80 -5.97
C GLU A 104 -27.05 16.57 -4.75
N SER A 105 -28.06 16.04 -4.06
CA SER A 105 -28.54 16.74 -2.90
C SER A 105 -29.15 15.77 -1.91
N GLY A 106 -29.26 16.24 -0.68
CA GLY A 106 -29.86 15.48 0.40
C GLY A 106 -29.57 16.31 1.63
N LYS A 107 -29.43 15.66 2.79
CA LYS A 107 -29.01 16.34 4.02
C LYS A 107 -27.50 16.55 4.08
N GLY A 108 -27.09 17.81 4.18
CA GLY A 108 -25.71 18.18 4.07
C GLY A 108 -25.33 18.38 2.63
N TYR A 109 -24.06 18.66 2.37
CA TYR A 109 -23.54 18.71 1.01
C TYR A 109 -23.18 17.33 0.45
N LYS A 110 -23.63 17.07 -0.77
CA LYS A 110 -23.20 15.89 -1.52
C LYS A 110 -22.55 16.35 -2.81
N THR A 111 -21.49 15.67 -3.19
CA THR A 111 -20.68 16.11 -4.30
C THR A 111 -21.42 15.81 -5.61
N PRO A 112 -21.24 16.66 -6.61
CA PRO A 112 -21.77 16.39 -7.95
C PRO A 112 -21.14 15.14 -8.56
N GLN A 113 -21.89 14.47 -9.44
CA GLN A 113 -21.42 13.24 -10.09
C GLN A 113 -21.49 13.28 -11.63
N TRP A 114 -20.61 12.56 -12.32
CA TRP A 114 -20.64 12.51 -13.79
C TRP A 114 -21.80 11.64 -14.31
N VAL A 115 -22.44 12.10 -15.39
CA VAL A 115 -23.40 11.25 -16.14
C VAL A 115 -22.93 11.24 -17.59
N SER A 116 -22.58 10.07 -18.13
CA SER A 116 -22.26 9.97 -19.53
C SER A 116 -23.55 10.14 -20.35
N TYR A 117 -23.45 10.79 -21.49
CA TYR A 117 -24.56 10.83 -22.43
C TYR A 117 -24.62 9.53 -23.21
N ILE A 118 -23.51 8.79 -23.20
CA ILE A 118 -23.44 7.57 -23.95
C ILE A 118 -23.41 6.41 -22.98
N ASN A 119 -24.41 5.53 -23.11
CA ASN A 119 -24.69 4.45 -22.15
C ASN A 119 -25.45 3.38 -22.91
N SER A 120 -25.67 2.26 -22.26
CA SER A 120 -26.42 1.20 -22.88
C SER A 120 -26.71 0.19 -21.78
N VAL A 121 -27.75 -0.63 -21.95
CA VAL A 121 -28.11 -1.61 -20.95
C VAL A 121 -27.51 -2.93 -21.39
N LYS A 122 -26.58 -3.49 -20.62
CA LYS A 122 -25.93 -4.76 -21.00
C LYS A 122 -26.68 -5.90 -20.37
N ALA A 123 -26.97 -6.93 -21.16
CA ALA A 123 -27.49 -8.18 -20.61
C ALA A 123 -26.33 -8.96 -19.99
N ALA A 124 -26.65 -9.77 -19.00
CA ALA A 124 -25.72 -10.74 -18.45
C ALA A 124 -25.55 -11.91 -19.41
N ASP A 125 -24.32 -12.38 -19.59
CA ASP A 125 -24.06 -13.67 -20.20
C ASP A 125 -24.36 -14.81 -19.21
N PRO A 126 -25.33 -15.69 -19.54
CA PRO A 126 -25.80 -16.63 -18.52
C PRO A 126 -24.70 -17.58 -18.00
N ALA A 127 -23.84 -18.06 -18.89
CA ALA A 127 -22.80 -19.01 -18.44
C ALA A 127 -21.78 -18.36 -17.46
N ARG A 128 -21.51 -17.07 -17.67
CA ARG A 128 -20.59 -16.27 -16.83
C ARG A 128 -21.28 -15.41 -15.75
N SER A 129 -22.54 -15.72 -15.45
CA SER A 129 -23.28 -15.08 -14.37
C SER A 129 -22.98 -15.86 -13.12
N LEU A 130 -22.12 -15.27 -12.27
CA LEU A 130 -21.46 -16.05 -11.23
C LEU A 130 -22.42 -16.57 -10.18
N ALA A 131 -22.25 -17.85 -9.83
CA ALA A 131 -23.02 -18.46 -8.77
C ALA A 131 -22.43 -18.02 -7.43
N ASN A 132 -23.27 -17.99 -6.41
CA ASN A 132 -22.83 -17.86 -5.03
C ASN A 132 -21.98 -19.05 -4.61
N TYR A 133 -21.08 -18.83 -3.63
CA TYR A 133 -20.27 -19.91 -3.10
C TYR A 133 -19.98 -19.71 -1.63
N SER A 134 -19.45 -20.75 -1.00
CA SER A 134 -19.03 -20.59 0.38
C SER A 134 -17.68 -21.23 0.52
N TYR A 135 -16.95 -20.82 1.55
CA TYR A 135 -15.65 -21.42 1.83
C TYR A 135 -15.38 -21.35 3.35
N THR A 136 -14.55 -22.27 3.83
CA THR A 136 -14.19 -22.35 5.24
C THR A 136 -13.10 -21.32 5.54
N ASP A 137 -13.13 -20.74 6.73
CA ASP A 137 -12.09 -19.76 7.12
C ASP A 137 -12.01 -19.58 8.64
N GLY A 138 -11.05 -20.27 9.25
CA GLY A 138 -10.81 -20.15 10.68
C GLY A 138 -11.80 -20.99 11.49
N LYS A 139 -11.81 -20.76 12.80
CA LYS A 139 -12.71 -21.44 13.71
C LYS A 139 -13.32 -20.51 14.73
N ASP A 140 -14.58 -20.74 15.06
CA ASP A 140 -15.21 -19.97 16.12
C ASP A 140 -14.56 -20.26 17.48
N SER A 141 -15.11 -19.70 18.53
CA SER A 141 -14.44 -19.77 19.82
C SER A 141 -14.49 -21.19 20.44
N ALA A 142 -15.54 -21.97 20.11
CA ALA A 142 -15.66 -23.38 20.52
C ALA A 142 -14.82 -24.36 19.67
N GLY A 143 -14.08 -23.84 18.69
CA GLY A 143 -13.22 -24.68 17.86
C GLY A 143 -13.85 -25.35 16.62
N ASN A 144 -15.05 -24.91 16.22
CA ASN A 144 -15.70 -25.40 14.99
C ASN A 144 -15.45 -24.47 13.80
N PRO A 145 -15.43 -25.04 12.58
CA PRO A 145 -15.07 -24.26 11.37
C PRO A 145 -16.10 -23.18 11.05
N ILE A 146 -15.61 -21.99 10.71
CA ILE A 146 -16.47 -20.91 10.27
C ILE A 146 -16.58 -21.00 8.76
N THR A 147 -17.80 -20.85 8.25
CA THR A 147 -18.06 -20.81 6.81
C THR A 147 -18.39 -19.38 6.45
N LYS A 148 -17.82 -18.90 5.35
CA LYS A 148 -18.19 -17.58 4.80
C LYS A 148 -18.85 -17.70 3.44
N GLU A 149 -19.74 -16.76 3.11
CA GLU A 149 -20.58 -16.88 1.89
C GLU A 149 -20.35 -15.68 1.02
N VAL A 150 -20.20 -15.91 -0.28
CA VAL A 150 -20.04 -14.82 -1.25
C VAL A 150 -21.26 -14.85 -2.14
N LYS A 151 -21.88 -13.69 -2.34
CA LYS A 151 -23.19 -13.62 -3.00
C LYS A 151 -23.17 -12.62 -4.14
N PHE A 152 -23.82 -12.97 -5.25
CA PHE A 152 -23.84 -12.10 -6.42
C PHE A 152 -25.31 -11.79 -6.84
N THR A 153 -25.50 -10.71 -7.62
CA THR A 153 -26.83 -10.37 -8.14
C THR A 153 -26.75 -10.12 -9.63
N PRO A 154 -26.53 -11.18 -10.41
CA PRO A 154 -26.49 -10.98 -11.84
C PRO A 154 -27.86 -10.53 -12.38
N GLY A 155 -27.85 -9.72 -13.44
CA GLY A 155 -29.08 -9.17 -14.01
C GLY A 155 -28.65 -8.03 -14.89
N ASP A 156 -29.50 -7.60 -15.83
CA ASP A 156 -29.15 -6.54 -16.77
C ASP A 156 -28.70 -5.28 -16.05
N ALA A 157 -27.86 -4.47 -16.69
CA ALA A 157 -27.31 -3.33 -15.98
C ALA A 157 -26.94 -2.25 -16.95
N ILE A 158 -26.97 -1.01 -16.49
CA ILE A 158 -26.51 0.09 -17.30
C ILE A 158 -24.98 0.14 -17.23
N GLN A 159 -24.35 0.38 -18.37
CA GLN A 159 -22.95 0.79 -18.42
C GLN A 159 -22.75 2.06 -19.25
N ALA A 160 -22.14 3.05 -18.65
CA ALA A 160 -21.63 4.16 -19.41
C ALA A 160 -20.51 3.69 -20.32
N ASN A 161 -20.30 4.44 -21.40
CA ASN A 161 -19.35 4.06 -22.44
C ASN A 161 -19.01 5.27 -23.27
N ILE A 162 -18.15 5.07 -24.27
CA ILE A 162 -17.70 6.18 -25.08
C ILE A 162 -17.99 5.85 -26.54
N GLU A 163 -17.79 6.82 -27.43
CA GLU A 163 -17.87 6.51 -28.87
C GLU A 163 -16.54 6.00 -29.48
N SER A 164 -16.51 4.74 -29.87
CA SER A 164 -15.27 4.04 -30.22
C SER A 164 -15.17 3.66 -31.69
N SER A 165 -16.32 3.37 -32.28
CA SER A 165 -16.36 2.62 -33.54
C SER A 165 -16.26 3.55 -34.74
N CYS A 166 -16.48 4.84 -34.54
CA CYS A 166 -16.45 5.77 -35.66
C CYS A 166 -15.04 5.97 -36.19
N LYS A 167 -14.12 6.32 -35.28
CA LYS A 167 -12.72 6.56 -35.65
C LYS A 167 -12.61 7.55 -36.82
N THR A 168 -11.82 7.24 -37.86
CA THR A 168 -11.51 8.28 -38.86
C THR A 168 -12.72 8.74 -39.68
N THR A 169 -13.76 7.89 -39.77
CA THR A 169 -15.00 8.30 -40.38
C THR A 169 -15.54 9.61 -39.81
N CYS A 170 -15.17 9.94 -38.58
CA CYS A 170 -15.75 11.10 -37.91
C CYS A 170 -14.82 12.29 -37.94
N LEU A 171 -13.70 12.14 -38.63
CA LEU A 171 -12.69 13.16 -38.62
C LEU A 171 -12.75 14.04 -39.89
N THR A 172 -12.46 15.31 -39.72
CA THR A 172 -12.21 16.18 -40.86
C THR A 172 -10.98 17.02 -40.54
N VAL A 173 -10.06 17.08 -41.48
CA VAL A 173 -8.84 17.85 -41.27
C VAL A 173 -9.20 19.32 -41.37
N VAL A 174 -8.84 20.11 -40.36
CA VAL A 174 -9.20 21.51 -40.33
C VAL A 174 -7.94 22.32 -40.52
N ASP A 175 -6.80 21.71 -40.21
CA ASP A 175 -5.49 22.35 -40.31
C ASP A 175 -4.40 21.27 -40.19
N SER A 176 -3.13 21.67 -40.21
CA SER A 176 -1.99 20.74 -39.98
C SER A 176 -2.02 20.18 -38.57
N GLY A 177 -2.22 18.86 -38.48
CA GLY A 177 -2.35 18.18 -37.19
C GLY A 177 -3.53 18.66 -36.35
N VAL A 178 -4.51 19.32 -36.98
CA VAL A 178 -5.74 19.65 -36.29
C VAL A 178 -6.91 18.90 -36.94
N TYR A 179 -7.51 17.98 -36.18
CA TYR A 179 -8.60 17.18 -36.70
C TYR A 179 -9.89 17.48 -35.94
N ARG A 180 -10.95 17.85 -36.65
CA ARG A 180 -12.25 18.00 -36.01
C ARG A 180 -12.96 16.63 -35.93
N TYR A 181 -13.18 16.15 -34.71
CA TYR A 181 -14.03 14.96 -34.49
C TYR A 181 -15.46 15.43 -34.29
N THR A 182 -16.37 14.92 -35.12
CA THR A 182 -17.81 15.18 -34.98
C THR A 182 -18.50 13.87 -34.61
N PHE A 183 -19.08 13.83 -33.41
CA PHE A 183 -19.58 12.57 -32.87
C PHE A 183 -20.67 12.04 -33.79
N GLN A 184 -20.75 10.73 -33.94
CA GLN A 184 -21.87 10.10 -34.61
C GLN A 184 -23.11 10.17 -33.72
N THR A 185 -22.88 10.30 -32.41
CA THR A 185 -23.95 10.29 -31.43
C THR A 185 -24.52 11.71 -31.33
N ASN A 186 -25.82 11.82 -31.57
CA ASN A 186 -26.53 13.09 -31.38
C ASN A 186 -27.19 13.15 -29.99
N LEU A 187 -26.97 14.26 -29.27
CA LEU A 187 -27.51 14.45 -27.91
C LEU A 187 -29.04 14.53 -27.83
N SER A 188 -29.66 15.01 -28.92
CA SER A 188 -31.13 15.07 -29.05
C SER A 188 -31.79 13.71 -29.29
N THR A 189 -31.02 12.72 -29.69
CA THR A 189 -31.64 11.50 -30.20
C THR A 189 -31.29 10.25 -29.40
N LEU A 190 -30.84 10.44 -28.17
CA LEU A 190 -30.43 9.33 -27.30
C LEU A 190 -31.67 8.58 -26.90
N PRO A 191 -31.67 7.25 -27.13
CA PRO A 191 -32.71 6.38 -26.59
C PRO A 191 -32.84 6.56 -25.07
N ALA A 192 -34.08 6.74 -24.59
CA ALA A 192 -34.37 6.79 -23.17
C ALA A 192 -33.84 5.53 -22.48
N ILE A 193 -33.20 5.72 -21.34
CA ILE A 193 -32.80 4.59 -20.49
C ILE A 193 -33.45 4.83 -19.11
N GLU A 194 -34.24 3.86 -18.66
CA GLU A 194 -35.03 4.04 -17.44
C GLU A 194 -34.14 4.30 -16.21
N GLY A 195 -34.37 5.45 -15.57
CA GLY A 195 -33.69 5.76 -14.31
C GLY A 195 -32.58 6.77 -14.55
N LEU A 196 -32.24 6.96 -15.81
CA LEU A 196 -31.20 7.90 -16.19
C LEU A 196 -31.81 9.13 -16.85
N ASP A 197 -31.45 10.31 -16.35
CA ASP A 197 -31.79 11.58 -17.01
C ASP A 197 -30.69 12.00 -17.99
N LEU A 198 -30.92 11.75 -19.28
CA LEU A 198 -29.95 12.06 -20.33
C LEU A 198 -30.11 13.45 -20.98
N THR A 199 -30.94 14.30 -20.37
CA THR A 199 -31.23 15.62 -20.96
C THR A 199 -29.99 16.53 -21.02
N TYR A 200 -29.75 17.11 -22.20
CA TYR A 200 -28.65 18.05 -22.42
C TYR A 200 -28.89 19.33 -21.65
N ASP A 201 -27.93 19.76 -20.84
CA ASP A 201 -28.08 20.96 -20.03
C ASP A 201 -26.81 21.81 -20.03
N PRO A 202 -26.82 22.90 -20.83
CA PRO A 202 -25.65 23.69 -21.18
C PRO A 202 -25.12 24.43 -19.98
N THR A 203 -25.91 24.50 -18.92
CA THR A 203 -25.49 25.26 -17.76
C THR A 203 -24.62 24.39 -16.84
N LEU A 204 -24.53 23.09 -17.14
CA LEU A 204 -23.68 22.17 -16.39
C LEU A 204 -22.31 22.03 -17.03
N ILE A 205 -21.29 21.97 -16.19
CA ILE A 205 -19.96 21.61 -16.64
C ILE A 205 -19.97 20.28 -17.36
N HIS A 206 -19.25 20.24 -18.47
CA HIS A 206 -19.23 19.08 -19.32
C HIS A 206 -17.79 18.59 -19.44
N ARG A 207 -17.63 17.33 -19.80
CA ARG A 207 -16.32 16.81 -20.11
C ARG A 207 -16.39 16.06 -21.43
N ILE A 208 -15.33 16.21 -22.20
CA ILE A 208 -15.11 15.32 -23.31
C ILE A 208 -13.74 14.68 -23.11
N THR A 209 -13.64 13.38 -23.40
CA THR A 209 -12.40 12.68 -23.26
C THR A 209 -11.99 12.06 -24.58
N LEU A 210 -10.68 11.88 -24.73
CA LEU A 210 -10.10 11.25 -25.93
C LEU A 210 -9.20 10.11 -25.50
N GLU A 211 -9.39 8.95 -26.09
CA GLU A 211 -8.32 7.96 -26.05
C GLU A 211 -7.87 7.72 -27.50
N LEU A 212 -6.56 7.91 -27.74
CA LEU A 212 -5.94 7.72 -29.05
C LEU A 212 -4.69 6.81 -28.97
N GLN A 213 -4.70 5.75 -29.76
CA GLN A 213 -3.57 4.85 -29.78
C GLN A 213 -3.25 4.42 -31.23
N THR A 214 -1.97 4.47 -31.58
CA THR A 214 -1.54 3.93 -32.88
C THR A 214 -0.34 2.98 -32.77
N ASP A 215 -0.25 2.05 -33.72
CA ASP A 215 0.93 1.20 -33.88
C ASP A 215 1.09 0.24 -32.68
N GLY A 216 -0.01 -0.07 -31.99
CA GLY A 216 0.05 -0.96 -30.82
C GLY A 216 0.86 -0.38 -29.65
N SER A 217 1.04 0.94 -29.65
CA SER A 217 1.98 1.61 -28.74
C SER A 217 1.44 1.66 -27.30
N LYS A 218 2.24 1.20 -26.34
CA LYS A 218 1.87 1.23 -24.93
C LYS A 218 2.01 2.65 -24.35
N ASP A 219 2.68 3.55 -25.04
CA ASP A 219 3.03 4.82 -24.41
C ASP A 219 3.36 5.93 -25.40
N ALA A 220 4.43 5.75 -26.17
CA ALA A 220 4.93 6.80 -27.05
C ALA A 220 3.81 7.38 -27.96
N LYS A 221 3.02 6.49 -28.54
CA LYS A 221 1.92 6.89 -29.40
C LYS A 221 0.55 6.50 -28.81
N LEU A 222 0.44 6.62 -27.48
CA LEU A 222 -0.83 6.52 -26.73
C LEU A 222 -1.12 7.83 -26.04
N VAL A 223 -2.35 8.31 -26.20
CA VAL A 223 -2.81 9.47 -25.43
C VAL A 223 -4.19 9.26 -24.81
N ASN A 224 -4.32 9.74 -23.59
CA ASN A 224 -5.62 9.97 -22.96
C ASN A 224 -5.60 11.45 -22.72
N SER A 225 -6.60 12.17 -23.23
CA SER A 225 -6.76 13.60 -22.91
C SER A 225 -8.21 13.88 -22.60
N HIS A 226 -8.48 15.04 -22.07
CA HIS A 226 -9.87 15.43 -21.85
C HIS A 226 -9.91 16.93 -21.80
N ILE A 227 -11.11 17.49 -21.91
CA ILE A 227 -11.32 18.91 -21.68
C ILE A 227 -12.62 19.08 -20.91
N ASP A 228 -12.61 19.90 -19.88
CA ASP A 228 -13.86 20.18 -19.16
C ASP A 228 -14.25 21.61 -19.49
N PHE A 229 -15.53 21.87 -19.63
CA PHE A 229 -15.95 23.16 -20.20
C PHE A 229 -17.40 23.47 -19.84
N LEU A 230 -17.76 24.74 -20.02
CA LEU A 230 -19.11 25.22 -19.69
C LEU A 230 -19.80 25.75 -20.96
N PRO A 231 -20.55 24.87 -21.65
CA PRO A 231 -21.14 25.26 -22.93
C PRO A 231 -21.87 26.61 -22.85
N SER A 232 -22.57 26.91 -21.75
CA SER A 232 -23.42 28.10 -21.66
C SER A 232 -22.62 29.38 -21.47
N ASP A 233 -21.33 29.25 -21.17
CA ASP A 233 -20.45 30.41 -21.27
C ASP A 233 -19.52 30.24 -22.49
N ASN A 234 -20.13 30.07 -23.65
CA ASN A 234 -19.39 30.00 -24.90
C ASN A 234 -18.34 28.86 -24.90
N PHE A 235 -18.70 27.74 -24.29
CA PHE A 235 -17.84 26.55 -24.25
C PHE A 235 -16.43 26.84 -23.72
N ARG A 236 -16.31 27.85 -22.88
CA ARG A 236 -15.01 28.11 -22.27
C ARG A 236 -14.63 26.90 -21.39
N VAL A 237 -13.34 26.82 -21.08
CA VAL A 237 -12.79 25.75 -20.27
C VAL A 237 -13.13 25.97 -18.78
N ALA A 238 -13.51 24.89 -18.08
CA ALA A 238 -13.85 24.97 -16.66
C ALA A 238 -12.64 25.35 -15.77
N LYS A 239 -12.88 26.15 -14.73
CA LYS A 239 -11.88 26.43 -13.73
C LYS A 239 -11.68 25.16 -12.89
N GLU A 240 -10.49 24.98 -12.30
CA GLU A 240 -10.24 23.81 -11.44
C GLU A 240 -11.38 23.67 -10.42
N THR A 241 -11.83 24.79 -9.85
CA THR A 241 -12.87 24.77 -8.82
C THR A 241 -14.28 24.47 -9.32
N GLU A 242 -14.49 24.42 -10.64
CA GLU A 242 -15.85 24.16 -11.17
C GLU A 242 -16.13 22.70 -11.49
N THR A 243 -15.07 21.97 -11.81
CA THR A 243 -15.22 20.60 -12.34
C THR A 243 -14.97 19.56 -11.23
N ARG A 244 -14.94 18.29 -11.60
CA ARG A 244 -14.85 17.21 -10.62
C ARG A 244 -13.59 16.41 -10.91
N THR A 245 -12.70 16.36 -9.91
CA THR A 245 -11.40 15.69 -10.03
C THR A 245 -11.22 14.63 -8.92
N VAL A 246 -11.30 15.07 -7.67
CA VAL A 246 -11.34 14.20 -6.47
C VAL A 246 -10.01 13.56 -6.12
N VAL A 247 -9.46 12.79 -7.06
CA VAL A 247 -8.13 12.23 -6.93
C VAL A 247 -7.29 12.60 -8.13
N ASP A 248 -5.98 12.67 -7.91
CA ASP A 248 -5.02 13.01 -8.94
C ASP A 248 -3.95 11.91 -8.98
N LEU A 249 -3.74 11.35 -10.16
CA LEU A 249 -2.80 10.27 -10.31
C LEU A 249 -1.48 10.52 -9.54
N GLU A 250 -0.89 11.71 -9.64
CA GLU A 250 0.43 11.95 -9.09
C GLU A 250 0.37 12.17 -7.58
N ALA A 251 -0.57 12.98 -7.12
CA ALA A 251 -0.74 13.20 -5.67
C ALA A 251 -1.20 11.98 -4.90
N ASN A 252 -1.86 11.04 -5.56
CA ASN A 252 -2.68 10.07 -4.83
C ASN A 252 -2.41 8.59 -5.11
N CYS A 253 -1.82 8.27 -6.25
CA CYS A 253 -1.74 6.86 -6.68
C CYS A 253 -0.31 6.40 -6.98
N ILE A 254 0.54 7.28 -7.48
CA ILE A 254 1.88 6.84 -7.88
C ILE A 254 2.81 6.50 -6.70
N LYS A 255 2.48 6.95 -5.48
CA LYS A 255 3.21 6.54 -4.27
C LYS A 255 3.28 5.02 -4.22
N CYS A 256 2.30 4.33 -4.80
CA CYS A 256 2.38 2.87 -4.92
C CYS A 256 2.50 2.36 -6.35
N HIS A 257 1.77 2.95 -7.28
CA HIS A 257 1.65 2.38 -8.65
C HIS A 257 2.77 2.82 -9.60
N SER A 258 3.30 1.88 -10.38
CA SER A 258 4.13 2.18 -11.55
C SER A 258 3.30 2.88 -12.61
N THR A 259 3.83 3.97 -13.17
CA THR A 259 3.32 4.55 -14.40
C THR A 259 4.41 4.52 -15.52
N ASN A 260 5.23 3.48 -15.51
CA ASN A 260 6.20 3.28 -16.58
C ASN A 260 5.54 2.51 -17.72
N TYR A 261 4.67 3.19 -18.45
CA TYR A 261 3.77 2.53 -19.38
C TYR A 261 4.51 1.74 -20.46
N SER A 262 5.65 2.27 -20.88
CA SER A 262 6.45 1.64 -21.95
C SER A 262 7.30 0.49 -21.45
N ASP A 263 7.21 0.17 -20.14
CA ASP A 263 8.04 -0.87 -19.53
C ASP A 263 7.98 -2.17 -20.36
N THR A 264 9.12 -2.61 -20.90
CA THR A 264 9.17 -3.79 -21.78
C THR A 264 9.56 -5.05 -21.02
N SER A 265 9.97 -4.89 -19.76
CA SER A 265 10.51 -6.00 -18.98
C SER A 265 9.40 -7.01 -18.70
N SER A 266 9.78 -8.24 -18.34
CA SER A 266 8.84 -9.30 -18.05
C SER A 266 8.02 -9.06 -16.79
N THR A 267 8.48 -8.18 -15.90
CA THR A 267 7.81 -7.99 -14.62
C THR A 267 7.06 -6.65 -14.57
N ALA A 268 6.97 -6.02 -15.74
CA ALA A 268 6.28 -4.73 -15.91
C ALA A 268 4.91 -4.77 -15.23
N LYS A 269 4.53 -3.69 -14.58
CA LYS A 269 3.21 -3.66 -13.94
C LYS A 269 2.69 -2.21 -13.86
N PRO A 270 2.57 -1.54 -15.01
CA PRO A 270 2.16 -0.15 -14.91
C PRO A 270 0.65 -0.04 -14.74
N LEU A 271 0.18 1.06 -14.16
CA LEU A 271 -1.27 1.21 -14.00
C LEU A 271 -1.87 1.67 -15.35
N ALA A 272 -2.03 0.71 -16.27
CA ALA A 272 -2.72 0.94 -17.53
C ALA A 272 -3.83 -0.10 -17.67
N LEU A 273 -5.08 0.33 -17.89
CA LEU A 273 -6.20 -0.64 -17.82
C LEU A 273 -6.75 -0.97 -19.23
N HIS A 274 -7.57 -2.01 -19.32
CA HIS A 274 -8.37 -2.27 -20.54
C HIS A 274 -7.47 -2.45 -21.76
N GLY A 275 -6.55 -3.39 -21.63
CA GLY A 275 -5.61 -3.73 -22.68
C GLY A 275 -4.44 -2.77 -22.79
N GLY A 276 -4.42 -1.71 -21.99
CA GLY A 276 -3.23 -0.90 -21.87
C GLY A 276 -3.55 0.49 -22.30
N ARG A 277 -4.77 0.66 -22.77
CA ARG A 277 -5.10 1.84 -23.51
C ARG A 277 -5.62 2.96 -22.61
N ARG A 278 -5.97 2.63 -21.36
CA ARG A 278 -6.57 3.64 -20.46
C ARG A 278 -5.71 3.90 -19.23
N ILE A 279 -5.27 5.15 -19.06
CA ILE A 279 -4.22 5.47 -18.10
C ILE A 279 -4.59 6.73 -17.35
N GLY A 280 -5.47 7.54 -17.91
CA GLY A 280 -5.82 8.81 -17.29
C GLY A 280 -7.08 8.73 -16.42
N ILE A 281 -6.99 9.26 -15.19
CA ILE A 281 -8.09 9.23 -14.25
C ILE A 281 -9.34 9.86 -14.87
N ALA A 282 -9.15 11.00 -15.54
CA ALA A 282 -10.30 11.75 -16.09
C ALA A 282 -11.06 10.89 -17.08
N ASN A 283 -10.33 10.02 -17.79
CA ASN A 283 -10.98 9.09 -18.69
C ASN A 283 -11.82 8.04 -17.98
N CYS A 284 -11.25 7.40 -16.94
CA CYS A 284 -11.99 6.41 -16.16
C CYS A 284 -13.34 6.99 -15.73
N GLN A 285 -13.33 8.25 -15.31
CA GLN A 285 -14.48 8.79 -14.56
C GLN A 285 -15.75 8.91 -15.42
N VAL A 286 -15.56 8.88 -16.74
CA VAL A 286 -16.70 9.03 -17.64
C VAL A 286 -17.46 7.71 -17.78
N CYS A 287 -16.74 6.58 -17.75
CA CYS A 287 -17.41 5.29 -17.75
C CYS A 287 -17.74 4.82 -16.35
N HIS A 288 -16.82 5.04 -15.41
CA HIS A 288 -16.96 4.43 -14.09
C HIS A 288 -17.86 5.29 -13.21
N THR A 289 -19.15 5.33 -13.57
CA THR A 289 -20.12 6.34 -13.06
C THR A 289 -20.90 5.67 -11.97
N SER A 290 -21.62 6.44 -11.14
CA SER A 290 -22.33 5.85 -10.00
C SER A 290 -23.37 4.81 -10.38
N TYR A 291 -23.94 4.90 -11.58
CA TYR A 291 -25.04 4.01 -11.92
C TYR A 291 -24.57 2.80 -12.77
N SER A 292 -23.28 2.75 -13.16
CA SER A 292 -22.81 1.63 -14.01
C SER A 292 -22.54 0.37 -13.20
N LYS A 293 -22.96 -0.78 -13.71
CA LYS A 293 -22.74 -2.04 -13.01
C LYS A 293 -22.28 -3.13 -13.95
N ASP A 294 -21.72 -4.20 -13.39
CA ASP A 294 -21.38 -5.39 -14.13
C ASP A 294 -22.56 -6.36 -14.07
N PRO A 295 -23.24 -6.58 -15.19
CA PRO A 295 -24.43 -7.47 -15.25
C PRO A 295 -24.20 -8.90 -14.75
N GLU A 296 -22.98 -9.41 -14.86
CA GLU A 296 -22.70 -10.79 -14.45
C GLU A 296 -22.61 -10.99 -12.95
N THR A 297 -22.42 -9.90 -12.20
CA THR A 297 -22.27 -10.05 -10.74
C THR A 297 -23.20 -9.11 -9.97
N GLY A 298 -23.59 -8.00 -10.59
CA GLY A 298 -24.22 -6.89 -9.89
C GLY A 298 -23.21 -5.95 -9.24
N SER A 299 -21.91 -6.26 -9.34
CA SER A 299 -20.89 -5.39 -8.76
C SER A 299 -20.95 -3.95 -9.31
N PRO A 300 -20.77 -2.94 -8.44
CA PRO A 300 -20.72 -1.57 -8.92
C PRO A 300 -19.45 -1.26 -9.69
N LEU A 301 -19.57 -0.39 -10.69
CA LEU A 301 -18.40 0.06 -11.47
C LEU A 301 -18.10 1.48 -11.10
N ASP A 302 -18.96 2.06 -10.27
CA ASP A 302 -18.68 3.40 -9.78
C ASP A 302 -17.18 3.44 -9.38
N MET A 303 -16.50 4.52 -9.72
CA MET A 303 -15.05 4.61 -9.52
C MET A 303 -14.63 4.38 -8.05
N GLY A 304 -15.36 4.99 -7.11
CA GLY A 304 -15.00 4.93 -5.70
C GLY A 304 -15.33 3.57 -5.14
N ALA A 305 -16.55 3.11 -5.42
CA ALA A 305 -16.96 1.77 -4.99
C ALA A 305 -16.01 0.70 -5.47
N MET A 306 -15.65 0.74 -6.75
CA MET A 306 -14.76 -0.26 -7.32
C MET A 306 -13.35 -0.14 -6.71
N VAL A 307 -12.81 1.08 -6.72
CA VAL A 307 -11.47 1.29 -6.21
C VAL A 307 -11.38 0.98 -4.71
N HIS A 308 -12.37 1.37 -3.89
CA HIS A 308 -12.32 0.96 -2.47
C HIS A 308 -12.31 -0.58 -2.35
N ALA A 309 -13.17 -1.26 -3.10
CA ALA A 309 -13.35 -2.70 -2.93
C ALA A 309 -12.14 -3.49 -3.40
N ILE A 310 -11.51 -3.01 -4.46
CA ILE A 310 -10.30 -3.66 -4.97
C ILE A 310 -9.19 -3.62 -3.91
N HIS A 311 -8.97 -2.45 -3.33
CA HIS A 311 -7.86 -2.26 -2.37
C HIS A 311 -8.20 -2.89 -1.01
N LYS A 312 -9.49 -3.09 -0.75
CA LYS A 312 -9.95 -3.82 0.43
C LYS A 312 -9.89 -5.36 0.18
N GLY A 313 -9.62 -5.78 -1.06
CA GLY A 313 -9.64 -7.23 -1.34
C GLY A 313 -11.02 -7.90 -1.29
N THR A 314 -12.08 -7.16 -1.63
CA THR A 314 -13.41 -7.77 -1.63
C THR A 314 -14.05 -7.75 -3.03
N TYR A 315 -13.56 -6.92 -3.94
CA TYR A 315 -14.22 -6.77 -5.25
C TYR A 315 -14.13 -8.03 -6.13
N ALA A 316 -15.21 -8.33 -6.85
CA ALA A 316 -15.27 -9.45 -7.81
C ALA A 316 -16.27 -9.10 -8.92
N MET A 317 -15.81 -9.21 -10.18
CA MET A 317 -16.68 -8.93 -11.32
C MET A 317 -16.23 -9.78 -12.51
N VAL A 318 -17.06 -9.86 -13.54
CA VAL A 318 -16.68 -10.53 -14.76
C VAL A 318 -16.47 -9.50 -15.87
N GLY A 319 -15.28 -9.49 -16.48
CA GLY A 319 -14.93 -8.44 -17.42
C GLY A 319 -14.90 -8.97 -18.85
N TYR A 320 -14.15 -8.26 -19.70
CA TYR A 320 -14.00 -8.58 -21.10
C TYR A 320 -13.77 -10.06 -21.37
N SER A 321 -14.54 -10.58 -22.31
CA SER A 321 -14.38 -11.93 -22.80
C SER A 321 -14.73 -12.95 -21.73
N GLY A 322 -15.53 -12.50 -20.74
CA GLY A 322 -16.00 -13.40 -19.69
C GLY A 322 -14.97 -13.81 -18.63
N THR A 323 -13.82 -13.16 -18.63
CA THR A 323 -12.86 -13.33 -17.55
C THR A 323 -13.36 -12.79 -16.21
N ALA A 324 -13.35 -13.65 -15.21
CA ALA A 324 -13.70 -13.29 -13.84
C ALA A 324 -12.47 -12.71 -13.15
N TYR A 325 -12.64 -11.50 -12.61
CA TYR A 325 -11.58 -10.84 -11.81
C TYR A 325 -12.01 -10.78 -10.35
N ASP A 326 -11.44 -11.65 -9.53
CA ASP A 326 -11.80 -11.75 -8.11
C ASP A 326 -10.62 -11.25 -7.28
N PHE A 327 -10.75 -10.07 -6.71
CA PHE A 327 -9.67 -9.41 -5.96
C PHE A 327 -9.58 -9.87 -4.50
N SER A 328 -10.33 -10.93 -4.19
CA SER A 328 -10.43 -11.45 -2.83
C SER A 328 -9.61 -12.73 -2.69
N GLY A 329 -9.35 -13.38 -3.82
CA GLY A 329 -8.69 -14.70 -3.77
C GLY A 329 -9.58 -15.84 -3.35
N THR A 330 -10.81 -15.54 -2.89
CA THR A 330 -11.64 -16.60 -2.32
C THR A 330 -12.26 -17.51 -3.41
N MET A 331 -12.43 -17.01 -4.62
CA MET A 331 -13.00 -17.89 -5.68
C MET A 331 -12.16 -19.13 -5.92
N ALA A 332 -10.84 -18.95 -6.04
CA ALA A 332 -9.92 -20.08 -6.23
C ALA A 332 -9.95 -20.99 -5.00
N LYS A 333 -10.06 -20.39 -3.83
CA LYS A 333 -10.17 -21.17 -2.60
C LYS A 333 -11.38 -22.10 -2.61
N ALA A 334 -12.53 -21.55 -2.96
CA ALA A 334 -13.74 -22.34 -2.96
C ALA A 334 -13.69 -23.42 -4.07
N ALA A 335 -13.15 -23.04 -5.23
CA ALA A 335 -12.92 -24.01 -6.31
C ALA A 335 -12.11 -25.21 -5.80
N ALA A 336 -11.02 -24.94 -5.09
CA ALA A 336 -10.17 -26.02 -4.62
C ALA A 336 -10.82 -26.81 -3.48
N GLU A 337 -11.70 -26.17 -2.72
CA GLU A 337 -12.27 -26.80 -1.53
C GLU A 337 -13.58 -27.53 -1.84
N SER A 338 -14.41 -26.93 -2.67
CA SER A 338 -15.78 -27.39 -2.84
C SER A 338 -16.03 -27.73 -4.29
N GLY A 339 -15.25 -27.14 -5.19
CA GLY A 339 -15.63 -27.12 -6.58
C GLY A 339 -16.38 -25.86 -6.91
N TYR A 340 -15.99 -25.23 -8.00
CA TYR A 340 -16.66 -24.04 -8.48
C TYR A 340 -16.38 -23.94 -9.98
N PRO A 341 -17.23 -24.59 -10.82
CA PRO A 341 -16.90 -24.82 -12.24
C PRO A 341 -16.66 -23.57 -13.06
N GLN A 342 -17.20 -22.45 -12.64
CA GLN A 342 -17.02 -21.20 -13.40
C GLN A 342 -15.62 -20.56 -13.21
N TYR A 343 -14.89 -21.03 -12.21
CA TYR A 343 -13.50 -20.59 -12.06
C TYR A 343 -12.60 -21.48 -12.93
N ARG A 344 -11.93 -20.88 -13.91
CA ARG A 344 -11.06 -21.61 -14.82
C ARG A 344 -9.60 -21.22 -14.61
N GLU A 345 -8.86 -22.04 -13.87
CA GLU A 345 -7.45 -21.74 -13.62
C GLU A 345 -6.74 -21.35 -14.91
N GLY A 346 -6.04 -20.24 -14.90
CA GLY A 346 -5.18 -19.84 -16.00
C GLY A 346 -5.87 -18.86 -16.90
N LYS A 347 -7.16 -18.67 -16.69
CA LYS A 347 -7.90 -17.70 -17.52
C LYS A 347 -8.56 -16.69 -16.58
N ASP A 348 -9.37 -17.18 -15.64
CA ASP A 348 -9.93 -16.28 -14.63
C ASP A 348 -8.82 -15.95 -13.61
N VAL A 349 -8.90 -14.75 -13.01
CA VAL A 349 -7.95 -14.30 -11.99
C VAL A 349 -8.60 -14.24 -10.61
N SER A 350 -8.13 -15.07 -9.67
CA SER A 350 -8.61 -14.98 -8.31
C SER A 350 -7.40 -14.90 -7.38
N GLU A 351 -7.07 -13.68 -6.96
CA GLU A 351 -5.89 -13.42 -6.12
C GLU A 351 -6.26 -12.33 -5.12
N ARG A 352 -5.96 -12.56 -3.86
CA ARG A 352 -6.16 -11.58 -2.81
C ARG A 352 -5.18 -10.39 -2.92
N VAL A 353 -5.73 -9.21 -3.09
CA VAL A 353 -4.97 -8.00 -3.05
C VAL A 353 -4.37 -7.87 -1.67
N THR A 354 -3.06 -7.64 -1.59
CA THR A 354 -2.43 -7.41 -0.29
C THR A 354 -1.99 -5.97 -0.21
N LEU A 355 -2.79 -5.15 0.49
CA LEU A 355 -2.57 -3.73 0.52
C LEU A 355 -1.52 -3.42 1.59
N PRO A 356 -0.52 -2.59 1.26
CA PRO A 356 0.52 -2.37 2.26
C PRO A 356 0.23 -1.27 3.29
N VAL A 357 -0.98 -0.72 3.31
CA VAL A 357 -1.46 0.14 4.41
C VAL A 357 -2.79 -0.44 4.80
N SER A 358 -3.32 0.01 5.92
CA SER A 358 -4.71 -0.32 6.26
C SER A 358 -5.64 0.34 5.21
N ILE A 359 -6.77 -0.30 4.91
CA ILE A 359 -7.81 0.30 4.01
C ILE A 359 -8.41 1.54 4.71
N GLY A 360 -8.19 1.68 6.01
CA GLY A 360 -8.67 2.86 6.79
C GLY A 360 -7.71 4.06 6.67
N ASN A 361 -6.60 3.89 5.95
CA ASN A 361 -5.59 4.97 5.80
C ASN A 361 -5.99 5.85 4.58
N CYS A 362 -7.03 6.69 4.73
CA CYS A 362 -7.64 7.44 3.64
C CYS A 362 -6.64 8.37 2.93
N GLN A 363 -5.67 8.87 3.69
CA GLN A 363 -4.71 9.85 3.21
C GLN A 363 -3.68 9.24 2.25
N SER A 364 -3.66 7.89 2.17
CA SER A 364 -2.97 7.18 1.12
C SER A 364 -3.47 7.53 -0.27
N CYS A 365 -4.77 7.89 -0.36
CA CYS A 365 -5.43 8.17 -1.66
C CYS A 365 -6.18 9.51 -1.74
N HIS A 366 -6.52 10.10 -0.59
CA HIS A 366 -7.29 11.35 -0.58
C HIS A 366 -6.40 12.46 0.05
N SER A 367 -6.09 13.53 -0.69
CA SER A 367 -5.19 14.60 -0.15
C SER A 367 -5.84 15.38 0.98
N THR A 368 -5.11 15.58 2.07
CA THR A 368 -5.53 16.46 3.14
C THR A 368 -4.57 17.65 3.32
N ASP A 369 -3.54 17.75 2.48
CA ASP A 369 -2.51 18.77 2.67
C ASP A 369 -2.66 19.95 1.69
N ASP A 370 -3.75 19.97 0.94
CA ASP A 370 -4.00 21.05 0.00
C ASP A 370 -2.93 21.15 -1.07
N LYS A 371 -2.32 20.02 -1.43
CA LYS A 371 -1.38 19.95 -2.56
C LYS A 371 -1.93 18.97 -3.58
N GLY A 372 -3.15 18.50 -3.35
CA GLY A 372 -3.82 17.62 -4.31
C GLY A 372 -4.87 18.37 -5.10
N PRO A 373 -5.90 17.66 -5.57
CA PRO A 373 -7.06 18.24 -6.25
C PRO A 373 -7.73 19.28 -5.37
N VAL A 374 -8.23 20.37 -5.96
CA VAL A 374 -8.91 21.39 -5.15
C VAL A 374 -10.18 20.86 -4.46
N ASP A 375 -10.78 19.80 -5.01
CA ASP A 375 -11.98 19.21 -4.38
C ASP A 375 -11.62 17.91 -3.60
N ALA A 376 -10.39 17.83 -3.09
CA ALA A 376 -9.95 16.60 -2.42
C ALA A 376 -10.85 16.26 -1.22
N ALA A 377 -11.48 17.28 -0.65
CA ALA A 377 -12.26 17.07 0.56
C ALA A 377 -13.58 16.37 0.24
N SER A 378 -13.81 16.02 -1.03
CA SER A 378 -14.98 15.20 -1.40
C SER A 378 -15.16 13.92 -0.56
N PHE A 379 -14.07 13.41 0.01
CA PHE A 379 -14.09 12.11 0.72
C PHE A 379 -14.75 12.25 2.10
N LYS A 380 -14.98 13.50 2.52
CA LYS A 380 -15.67 13.78 3.80
C LYS A 380 -17.21 13.77 3.74
N HIS A 381 -17.76 13.69 2.54
CA HIS A 381 -19.19 13.82 2.30
C HIS A 381 -19.79 12.47 1.97
N HIS A 382 -20.92 12.16 2.57
CA HIS A 382 -21.61 10.92 2.33
C HIS A 382 -22.11 10.74 0.87
N LYS A 383 -21.93 9.52 0.40
CA LYS A 383 -22.32 9.04 -0.93
C LYS A 383 -22.57 7.56 -0.78
N GLY A 384 -23.82 7.15 -0.96
CA GLY A 384 -24.24 5.79 -0.71
C GLY A 384 -23.24 4.72 -1.11
N LEU A 385 -22.87 4.72 -2.39
CA LEU A 385 -21.99 3.67 -2.90
C LEU A 385 -20.61 3.73 -2.24
N ALA A 386 -20.07 4.94 -2.04
CA ALA A 386 -18.77 5.07 -1.40
C ALA A 386 -18.78 4.51 0.04
N CYS A 387 -19.72 4.99 0.86
CA CYS A 387 -19.82 4.52 2.24
C CYS A 387 -20.08 3.04 2.29
N ALA A 388 -20.91 2.53 1.38
CA ALA A 388 -21.20 1.12 1.32
C ALA A 388 -19.98 0.30 0.92
N SER A 389 -19.10 0.83 0.07
CA SER A 389 -18.03 0.00 -0.49
C SER A 389 -17.03 -0.53 0.54
N CYS A 390 -16.95 0.09 1.72
CA CYS A 390 -16.23 -0.53 2.84
C CYS A 390 -17.13 -1.15 3.91
N HIS A 391 -18.17 -0.44 4.33
CA HIS A 391 -18.93 -0.84 5.53
C HIS A 391 -19.96 -1.95 5.22
N MET A 392 -20.31 -2.12 3.95
CA MET A 392 -21.34 -3.11 3.58
C MET A 392 -20.82 -4.20 2.65
N SER A 393 -19.55 -4.55 2.77
CA SER A 393 -18.97 -5.64 1.96
C SER A 393 -19.86 -6.89 2.00
N GLY A 394 -20.18 -7.41 0.82
CA GLY A 394 -20.92 -8.68 0.73
C GLY A 394 -22.45 -8.56 0.84
N PHE A 395 -22.96 -7.37 1.17
CA PHE A 395 -24.43 -7.17 1.35
C PHE A 395 -25.04 -6.71 0.05
N ASN A 396 -26.28 -7.09 -0.19
CA ASN A 396 -26.98 -6.56 -1.36
C ASN A 396 -28.51 -6.57 -1.10
N PRO A 397 -29.25 -5.81 -1.91
CA PRO A 397 -30.66 -5.59 -1.61
C PRO A 397 -31.55 -6.83 -1.85
N VAL A 398 -31.00 -7.90 -2.44
CA VAL A 398 -31.75 -9.14 -2.60
C VAL A 398 -31.55 -10.04 -1.43
N ASP A 399 -30.29 -10.32 -1.11
CA ASP A 399 -29.98 -11.20 0.00
C ASP A 399 -30.18 -10.52 1.34
N ASN A 400 -30.19 -9.19 1.36
CA ASN A 400 -30.47 -8.50 2.62
C ASN A 400 -31.70 -7.58 2.47
N SER A 401 -32.74 -8.10 1.80
CA SER A 401 -33.88 -7.29 1.39
C SER A 401 -34.64 -6.71 2.60
N GLU A 402 -34.51 -7.35 3.76
CA GLU A 402 -35.03 -6.77 4.98
C GLU A 402 -34.62 -5.30 5.13
N TRP A 403 -33.41 -4.93 4.69
CA TRP A 403 -32.93 -3.58 5.00
C TRP A 403 -33.56 -2.52 4.11
N LEU A 404 -34.21 -2.98 3.06
CA LEU A 404 -35.02 -2.09 2.22
C LEU A 404 -36.19 -1.43 2.98
N THR A 405 -36.57 -2.00 4.12
CA THR A 405 -37.66 -1.42 4.91
C THR A 405 -37.16 -0.94 6.27
N PRO A 406 -37.32 0.36 6.56
CA PRO A 406 -36.88 0.97 7.83
C PRO A 406 -37.71 0.40 8.96
N PRO A 407 -37.23 0.52 10.21
CA PRO A 407 -38.00 -0.03 11.34
C PRO A 407 -39.33 0.76 11.54
N GLU A 408 -40.31 0.15 12.21
CA GLU A 408 -41.66 0.75 12.43
C GLU A 408 -41.53 2.23 12.81
N GLY A 409 -42.04 3.11 11.96
CA GLY A 409 -42.16 4.52 12.29
C GLY A 409 -40.86 5.29 12.09
N GLN A 410 -39.90 4.69 11.38
CA GLN A 410 -38.72 5.44 10.92
C GLN A 410 -38.82 5.78 9.44
N LYS A 411 -38.16 6.83 9.02
CA LYS A 411 -38.07 7.16 7.61
C LYS A 411 -37.17 6.23 6.78
N ASP A 412 -37.63 5.93 5.57
CA ASP A 412 -36.94 5.08 4.61
C ASP A 412 -35.79 5.86 3.98
N ARG A 413 -34.55 5.39 4.18
CA ARG A 413 -33.43 6.14 3.65
C ARG A 413 -32.70 5.42 2.52
N GLY A 414 -33.34 4.39 1.96
CA GLY A 414 -32.72 3.54 0.95
C GLY A 414 -31.98 2.35 1.57
N PHE A 415 -31.49 1.46 0.72
CA PHE A 415 -30.74 0.29 1.21
C PHE A 415 -29.54 0.72 2.09
N VAL A 416 -28.70 1.60 1.59
CA VAL A 416 -27.46 1.99 2.32
C VAL A 416 -27.80 2.91 3.54
N GLY A 417 -28.62 3.92 3.31
CA GLY A 417 -29.18 4.72 4.39
C GLY A 417 -29.70 3.91 5.54
N ASN A 418 -30.57 2.96 5.25
CA ASN A 418 -31.17 2.18 6.33
C ASN A 418 -30.12 1.37 7.09
N TYR A 419 -29.11 0.86 6.37
CA TYR A 419 -28.02 0.13 7.02
C TYR A 419 -27.29 1.06 7.98
N PHE A 420 -26.84 2.21 7.49
CA PHE A 420 -26.10 3.15 8.34
C PHE A 420 -26.92 3.65 9.52
N HIS A 421 -28.21 3.92 9.28
CA HIS A 421 -29.09 4.54 10.30
C HIS A 421 -29.59 3.44 11.25
N TYR A 422 -29.94 2.28 10.71
CA TYR A 422 -30.73 1.28 11.48
C TYR A 422 -30.11 -0.05 11.73
N TYR A 423 -29.49 -0.65 10.70
CA TYR A 423 -29.28 -2.09 10.70
C TYR A 423 -27.80 -2.54 10.88
N ALA A 424 -26.86 -1.62 10.78
CA ALA A 424 -25.46 -2.02 10.91
C ALA A 424 -25.18 -2.60 12.30
N THR A 425 -24.25 -3.55 12.41
CA THR A 425 -23.71 -3.91 13.72
C THR A 425 -22.22 -4.21 13.61
N PRO A 426 -21.51 -4.19 14.76
CA PRO A 426 -20.07 -4.45 14.78
C PRO A 426 -19.75 -5.88 14.33
N GLU A 427 -20.69 -6.78 14.55
CA GLU A 427 -20.51 -8.17 14.15
C GLU A 427 -20.56 -8.35 12.64
N ILE A 428 -21.30 -7.50 11.92
CA ILE A 428 -21.51 -7.80 10.51
C ILE A 428 -20.82 -6.79 9.60
N ASP A 429 -20.32 -5.71 10.19
CA ASP A 429 -19.89 -4.57 9.38
C ASP A 429 -18.65 -4.95 8.54
N GLY A 430 -18.47 -4.26 7.40
CA GLY A 430 -17.33 -4.49 6.51
C GLY A 430 -16.03 -4.08 7.22
N ILE A 431 -16.15 -3.28 8.28
CA ILE A 431 -15.00 -2.98 9.17
C ILE A 431 -15.29 -3.56 10.56
N PRO A 432 -14.77 -4.77 10.87
CA PRO A 432 -15.19 -5.43 12.10
C PRO A 432 -15.01 -4.52 13.31
N GLY A 433 -16.03 -4.49 14.17
CA GLY A 433 -16.00 -3.65 15.36
C GLY A 433 -16.63 -2.27 15.20
N VAL A 434 -16.79 -1.81 13.97
CA VAL A 434 -17.38 -0.50 13.75
C VAL A 434 -18.89 -0.53 14.12
N ASN A 435 -19.39 0.53 14.72
CA ASN A 435 -20.80 0.56 15.15
C ASN A 435 -21.49 1.82 14.65
N LEU A 436 -21.87 1.78 13.37
CA LEU A 436 -22.43 2.96 12.73
C LEU A 436 -23.72 3.35 13.47
N VAL A 437 -24.52 2.37 13.87
CA VAL A 437 -25.83 2.68 14.45
C VAL A 437 -25.69 3.44 15.79
N HIS A 438 -24.70 3.04 16.57
CA HIS A 438 -24.29 3.82 17.73
C HIS A 438 -23.95 5.28 17.42
N VAL A 439 -23.28 5.52 16.29
CA VAL A 439 -23.04 6.88 15.84
C VAL A 439 -24.34 7.58 15.43
N PHE A 440 -25.21 6.87 14.71
CA PHE A 440 -26.49 7.45 14.33
C PHE A 440 -27.32 7.87 15.58
N GLN A 441 -27.42 6.97 16.55
CA GLN A 441 -28.18 7.22 17.80
C GLN A 441 -27.51 8.22 18.78
N ASN A 442 -26.17 8.17 18.88
CA ASN A 442 -25.47 8.88 19.92
C ASN A 442 -24.48 9.92 19.50
N GLY A 443 -24.22 10.00 18.20
CA GLY A 443 -23.11 10.86 17.75
C GLY A 443 -23.52 12.13 17.02
N GLY A 444 -24.84 12.30 16.79
CA GLY A 444 -25.39 13.40 15.97
C GLY A 444 -25.14 13.29 14.46
N CYS A 445 -25.95 13.99 13.67
CA CYS A 445 -26.09 13.75 12.24
C CYS A 445 -24.83 14.21 11.52
N ALA A 446 -24.22 15.27 12.07
CA ALA A 446 -23.03 15.88 11.47
C ALA A 446 -21.80 14.93 11.46
N SER A 447 -21.92 13.83 12.19
CA SER A 447 -20.97 12.71 12.09
C SER A 447 -20.85 12.09 10.69
N CYS A 448 -21.93 12.15 9.91
CA CYS A 448 -21.84 11.64 8.55
C CYS A 448 -22.34 12.60 7.47
N HIS A 449 -23.23 13.53 7.86
CA HIS A 449 -23.79 14.49 6.91
C HIS A 449 -23.04 15.81 7.09
N ALA A 450 -22.21 16.19 6.13
CA ALA A 450 -21.34 17.35 6.30
C ALA A 450 -21.76 18.47 5.36
N GLU A 451 -21.82 19.69 5.86
CA GLU A 451 -21.92 20.85 4.95
C GLU A 451 -20.54 21.09 4.40
N GLN A 452 -20.47 21.91 3.37
CA GLN A 452 -19.19 22.26 2.82
C GLN A 452 -18.27 22.88 3.87
N GLY A 453 -17.04 22.40 3.92
CA GLY A 453 -16.06 22.86 4.88
C GLY A 453 -16.09 22.15 6.21
N GLU A 454 -17.11 21.33 6.46
CA GLU A 454 -17.13 20.45 7.65
C GLU A 454 -16.43 19.07 7.38
N GLU A 455 -16.22 18.33 8.47
CA GLU A 455 -15.43 17.10 8.49
C GLU A 455 -16.26 15.82 8.26
N GLY A 456 -17.57 15.85 8.55
CA GLY A 456 -18.38 14.63 8.47
C GLY A 456 -17.66 13.43 9.08
N SER A 457 -17.76 12.28 8.41
CA SER A 457 -17.21 11.03 8.91
C SER A 457 -15.67 11.05 8.98
N ALA A 458 -15.03 12.03 8.34
CA ALA A 458 -13.58 12.13 8.40
C ALA A 458 -13.16 12.36 9.85
N LYS A 459 -14.12 12.81 10.66
CA LYS A 459 -13.87 13.06 12.06
C LYS A 459 -13.50 11.71 12.66
N TYR A 460 -14.20 10.64 12.22
CA TYR A 460 -13.89 9.34 12.77
C TYR A 460 -12.75 8.71 12.04
N HIS A 461 -12.76 8.83 10.70
CA HIS A 461 -11.78 8.13 9.86
C HIS A 461 -10.32 8.54 10.13
N LEU A 462 -10.10 9.83 10.45
CA LEU A 462 -8.77 10.40 10.62
C LEU A 462 -8.32 10.52 12.07
N ALA A 463 -9.18 10.15 13.01
CA ALA A 463 -8.97 10.46 14.42
C ALA A 463 -7.72 9.79 14.97
N LYS A 464 -7.57 8.47 14.75
CA LYS A 464 -6.37 7.76 15.25
C LYS A 464 -5.09 8.25 14.56
N ALA A 465 -5.15 8.57 13.27
CA ALA A 465 -3.96 9.02 12.55
C ALA A 465 -3.53 10.39 13.10
N ASN A 466 -4.50 11.27 13.34
CA ASN A 466 -4.22 12.62 13.83
C ASN A 466 -3.61 12.62 15.23
N ALA A 467 -4.25 11.87 16.13
CA ALA A 467 -3.79 11.73 17.51
C ALA A 467 -2.43 11.02 17.61
N THR A 468 -2.23 10.01 16.79
CA THR A 468 -0.95 9.35 16.67
C THR A 468 0.18 10.34 16.41
N LYS A 469 0.02 11.19 15.40
CA LYS A 469 0.96 12.28 15.13
C LYS A 469 1.21 13.19 16.34
N LEU A 470 0.14 13.70 16.95
CA LEU A 470 0.26 14.59 18.12
C LEU A 470 1.04 13.92 19.24
N LEU A 471 0.65 12.68 19.54
CA LEU A 471 1.31 11.95 20.59
C LEU A 471 2.81 11.66 20.31
N ARG A 472 3.15 11.32 19.08
CA ARG A 472 4.56 11.12 18.73
C ARG A 472 5.35 12.41 18.98
N THR A 473 4.73 13.53 18.61
CA THR A 473 5.36 14.85 18.76
C THR A 473 5.51 15.18 20.23
N GLU A 474 4.43 15.08 21.01
CA GLU A 474 4.51 15.33 22.45
C GLU A 474 5.47 14.39 23.22
N TYR A 475 5.45 13.11 22.93
CA TYR A 475 6.29 12.17 23.68
C TYR A 475 7.69 11.95 23.03
N ALA A 476 8.05 12.75 22.04
CA ALA A 476 9.33 12.57 21.41
C ALA A 476 10.44 12.62 22.46
N TYR A 477 11.50 11.84 22.23
CA TYR A 477 12.59 11.75 23.17
C TYR A 477 13.87 11.47 22.39
N LYS A 478 14.99 11.66 23.07
CA LYS A 478 16.28 11.37 22.47
C LYS A 478 17.04 10.40 23.35
N LEU A 479 17.75 9.43 22.74
CA LEU A 479 18.63 8.56 23.55
C LEU A 479 20.06 9.11 23.43
N GLU A 480 20.70 9.47 24.54
CA GLU A 480 22.14 9.78 24.50
C GLU A 480 22.96 8.49 24.52
N ASN A 481 24.21 8.59 24.08
CA ASN A 481 25.09 7.43 23.97
C ASN A 481 25.30 6.70 25.27
N GLY A 482 25.43 5.38 25.18
CA GLY A 482 25.66 4.57 26.37
C GLY A 482 27.15 4.44 26.69
N THR A 483 27.49 4.45 27.97
CA THR A 483 28.79 4.00 28.43
C THR A 483 28.77 2.56 28.91
N PHE A 484 29.47 1.69 28.19
CA PHE A 484 29.49 0.27 28.53
C PHE A 484 30.79 -0.13 29.24
N ASP A 485 30.73 -0.24 30.57
CA ASP A 485 31.85 -0.76 31.34
C ASP A 485 31.84 -2.27 31.25
N VAL A 486 32.61 -2.83 30.33
CA VAL A 486 32.41 -4.22 30.01
C VAL A 486 32.87 -5.20 31.10
N ALA A 487 34.01 -4.95 31.74
CA ALA A 487 34.43 -5.77 32.88
C ALA A 487 33.37 -5.77 34.00
N LYS A 488 32.73 -4.62 34.22
CA LYS A 488 31.78 -4.48 35.33
C LYS A 488 30.39 -5.04 34.95
N GLY A 489 30.18 -5.21 33.64
CA GLY A 489 28.87 -5.66 33.12
C GLY A 489 27.79 -4.62 33.12
N GLU A 490 28.16 -3.36 33.02
CA GLU A 490 27.22 -2.29 33.34
C GLU A 490 27.11 -1.25 32.20
N LEU A 491 25.88 -0.97 31.81
CA LEU A 491 25.60 0.04 30.77
C LEU A 491 24.89 1.22 31.42
N THR A 492 25.38 2.43 31.19
CA THR A 492 24.72 3.63 31.68
C THR A 492 24.34 4.52 30.50
N PHE A 493 23.12 5.03 30.45
CA PHE A 493 22.76 5.98 29.39
C PHE A 493 21.66 6.89 29.89
N THR A 494 21.52 8.06 29.25
CA THR A 494 20.55 9.05 29.65
C THR A 494 19.51 9.16 28.55
N VAL A 495 18.25 9.24 28.95
CA VAL A 495 17.19 9.55 27.98
C VAL A 495 16.77 11.00 28.27
N ASN A 496 16.70 11.83 27.22
CA ASN A 496 16.09 13.13 27.29
C ASN A 496 14.59 13.02 27.03
N TRP A 497 13.84 12.95 28.13
CA TRP A 497 12.42 12.65 28.13
C TRP A 497 11.59 13.94 28.03
N HIS A 498 10.35 13.83 27.56
CA HIS A 498 9.56 15.03 27.19
C HIS A 498 9.20 15.86 28.44
N SER A 499 9.26 15.24 29.61
CA SER A 499 8.86 15.96 30.82
C SER A 499 9.59 15.41 32.04
N ASP A 500 9.23 15.97 33.19
CA ASP A 500 9.79 15.52 34.44
C ASP A 500 8.91 14.46 35.10
N VAL A 501 7.90 13.98 34.39
CA VAL A 501 7.26 12.75 34.81
C VAL A 501 7.91 11.60 34.00
N ALA A 502 8.72 10.77 34.67
CA ALA A 502 9.55 9.76 34.01
C ALA A 502 8.68 8.62 33.45
N PRO A 503 9.25 7.79 32.55
CA PRO A 503 8.45 6.74 31.90
C PRO A 503 7.76 5.88 32.93
N HIS A 504 8.49 5.45 33.95
CA HIS A 504 7.88 4.53 34.89
C HIS A 504 6.86 5.23 35.79
N GLN A 505 6.82 6.55 35.76
CA GLN A 505 5.86 7.27 36.63
C GLN A 505 4.56 7.63 35.88
N ASP A 506 4.54 7.42 34.57
CA ASP A 506 3.46 7.93 33.69
C ASP A 506 2.61 6.74 33.33
N PRO A 507 1.40 6.68 33.90
CA PRO A 507 0.54 5.52 33.63
C PRO A 507 -0.02 5.44 32.19
N LYS A 508 0.26 6.45 31.36
CA LYS A 508 -0.12 6.48 29.95
C LYS A 508 0.95 5.79 29.09
N VAL A 509 2.13 5.60 29.70
CA VAL A 509 3.20 4.87 29.06
C VAL A 509 2.94 3.39 29.31
N LYS A 510 2.71 2.63 28.24
CA LYS A 510 2.50 1.19 28.40
C LYS A 510 3.81 0.44 28.67
N GLU A 511 4.79 0.68 27.81
CA GLU A 511 6.11 0.07 27.96
C GLU A 511 7.04 1.05 27.25
N PHE A 512 8.33 0.95 27.54
CA PHE A 512 9.31 1.79 26.84
C PHE A 512 10.56 0.93 26.68
N TRP A 513 10.69 0.32 25.51
CA TRP A 513 11.79 -0.58 25.24
C TRP A 513 12.99 0.22 24.73
N VAL A 514 14.16 -0.11 25.24
CA VAL A 514 15.37 0.28 24.56
C VAL A 514 16.13 -1.01 24.29
N SER A 515 16.46 -1.24 23.03
CA SER A 515 17.24 -2.39 22.62
C SER A 515 18.66 -2.02 22.23
N LEU A 516 19.62 -2.78 22.71
CA LEU A 516 21.00 -2.53 22.28
C LEU A 516 21.48 -3.77 21.51
N THR A 517 22.21 -3.52 20.42
CA THR A 517 22.68 -4.58 19.58
C THR A 517 24.16 -4.35 19.29
N ALA A 518 24.95 -5.40 19.42
CA ALA A 518 26.37 -5.34 19.07
C ALA A 518 26.55 -5.08 17.57
N PHE A 519 27.51 -4.22 17.24
CA PHE A 519 27.85 -4.03 15.86
C PHE A 519 29.37 -3.94 15.65
N ASN A 520 29.95 -4.95 14.99
CA ASN A 520 31.42 -5.08 14.85
C ASN A 520 32.00 -4.17 13.76
N GLY A 521 31.21 -3.26 13.20
CA GLY A 521 31.79 -2.33 12.21
C GLY A 521 31.71 -2.85 10.78
N THR A 522 31.41 -4.15 10.63
CA THR A 522 31.15 -4.70 9.31
C THR A 522 29.67 -5.00 9.07
N GLU A 523 29.11 -5.93 9.86
CA GLU A 523 27.69 -6.27 9.72
C GLU A 523 27.19 -6.98 10.98
N TYR A 524 25.92 -6.74 11.30
CA TYR A 524 25.25 -7.54 12.35
C TYR A 524 25.32 -9.05 12.07
N THR A 525 25.41 -9.87 13.13
CA THR A 525 25.28 -11.31 12.99
C THR A 525 24.55 -11.78 14.22
N MET A 526 23.41 -12.45 14.05
CA MET A 526 22.62 -12.85 15.23
C MET A 526 23.38 -13.95 16.00
N GLY A 527 23.87 -14.94 15.29
CA GLY A 527 24.66 -16.01 15.92
C GLY A 527 23.75 -17.09 16.49
N PRO A 528 24.35 -18.15 17.08
CA PRO A 528 23.55 -19.29 17.57
C PRO A 528 22.62 -18.89 18.71
N ARG A 529 21.61 -19.69 19.00
CA ARG A 529 20.72 -19.39 20.12
C ARG A 529 21.42 -19.87 21.40
N PRO A 530 21.56 -19.00 22.42
CA PRO A 530 22.17 -19.51 23.65
C PRO A 530 21.14 -20.16 24.59
N SER A 531 21.60 -20.63 25.76
CA SER A 531 20.66 -20.82 26.90
C SER A 531 20.15 -19.47 27.41
N ASN A 532 19.09 -19.47 28.22
CA ASN A 532 18.46 -18.23 28.64
C ASN A 532 19.34 -17.42 29.59
N GLY A 533 19.20 -16.10 29.59
CA GLY A 533 20.01 -15.27 30.50
C GLY A 533 19.02 -14.39 31.21
N THR A 534 19.46 -13.69 32.23
CA THR A 534 18.53 -12.86 32.99
C THR A 534 17.94 -11.77 32.12
N LEU A 535 18.73 -11.24 31.17
CA LEU A 535 18.31 -10.04 30.45
C LEU A 535 17.79 -10.38 29.02
N GLY A 536 17.99 -11.62 28.60
CA GLY A 536 17.69 -12.03 27.25
C GLY A 536 18.37 -13.30 26.85
N ARG A 537 18.03 -13.76 25.67
CA ARG A 537 18.54 -15.02 25.18
C ARG A 537 19.11 -14.85 23.75
N SER A 538 19.82 -13.76 23.54
CA SER A 538 20.51 -13.50 22.27
C SER A 538 21.98 -13.13 22.53
N GLU A 539 22.85 -13.64 21.66
CA GLU A 539 24.24 -13.20 21.59
C GLU A 539 24.44 -11.71 21.37
N ASN A 540 23.59 -11.09 20.55
CA ASN A 540 23.93 -9.76 20.05
C ASN A 540 22.96 -8.65 20.48
N ARG A 541 21.92 -9.03 21.22
CA ARG A 541 20.81 -8.08 21.46
C ARG A 541 20.17 -8.21 22.84
N ILE A 542 19.98 -7.07 23.50
CA ILE A 542 19.19 -7.03 24.73
C ILE A 542 18.09 -5.98 24.60
N SER A 543 16.85 -6.33 24.97
CA SER A 543 15.77 -5.33 25.04
C SER A 543 15.33 -5.16 26.48
N VAL A 544 15.28 -3.92 26.96
CA VAL A 544 14.96 -3.67 28.37
C VAL A 544 13.76 -2.70 28.40
N ASN A 545 12.73 -3.02 29.19
CA ASN A 545 11.58 -2.13 29.37
C ASN A 545 11.87 -1.14 30.50
N LEU A 546 12.14 0.11 30.12
CA LEU A 546 12.52 1.12 31.07
C LEU A 546 11.32 1.55 31.90
N ALA A 547 10.11 1.19 31.47
CA ALA A 547 8.94 1.65 32.21
C ALA A 547 8.77 0.80 33.49
N LYS A 548 9.51 -0.31 33.58
CA LYS A 548 9.45 -1.11 34.79
C LYS A 548 10.75 -1.14 35.60
N VAL A 549 11.19 0.01 36.08
CA VAL A 549 12.40 0.12 36.88
C VAL A 549 12.27 -0.54 38.23
N GLU A 550 11.18 -0.23 38.95
CA GLU A 550 11.07 -0.62 40.35
C GLU A 550 11.00 -2.12 40.56
N THR A 551 10.56 -2.86 39.56
CA THR A 551 10.53 -4.31 39.69
C THR A 551 11.66 -5.03 38.94
N ASN A 552 12.61 -4.27 38.39
CA ASN A 552 13.68 -4.93 37.66
C ASN A 552 14.99 -4.77 38.48
N ALA A 553 15.49 -5.87 39.00
CA ALA A 553 16.64 -5.84 39.92
C ALA A 553 17.92 -5.42 39.17
N ASN A 554 17.94 -5.57 37.84
CA ASN A 554 19.09 -5.13 37.04
C ASN A 554 19.09 -3.65 36.56
N LEU A 555 18.03 -2.90 36.86
CA LEU A 555 17.80 -1.58 36.26
C LEU A 555 17.55 -0.57 37.36
N THR A 556 18.25 0.55 37.29
CA THR A 556 18.01 1.64 38.22
C THR A 556 17.93 2.92 37.37
N ALA A 557 17.13 3.88 37.84
CA ALA A 557 16.82 5.11 37.07
C ALA A 557 17.02 6.32 37.97
N VAL A 558 17.68 7.34 37.47
CA VAL A 558 17.98 8.51 38.31
C VAL A 558 17.56 9.73 37.53
N PRO A 559 16.45 10.36 37.92
CA PRO A 559 15.88 11.49 37.17
C PRO A 559 16.68 12.74 37.47
N ASN A 560 16.84 13.59 36.48
CA ASN A 560 17.37 14.92 36.70
C ASN A 560 16.58 15.91 35.86
N GLY A 561 15.54 16.49 36.45
CA GLY A 561 14.46 17.13 35.72
C GLY A 561 13.83 16.22 34.67
N SER A 562 14.07 16.58 33.42
CA SER A 562 13.48 15.84 32.31
C SER A 562 14.38 14.71 31.87
N LYS A 563 15.64 14.74 32.30
CA LYS A 563 16.64 13.76 31.88
C LYS A 563 16.60 12.58 32.87
N VAL A 564 16.57 11.36 32.34
CA VAL A 564 16.57 10.19 33.22
C VAL A 564 17.78 9.35 32.84
N THR A 565 18.64 9.07 33.81
CA THR A 565 19.82 8.29 33.53
C THR A 565 19.62 6.88 34.07
N TYR A 566 19.81 5.88 33.21
CA TYR A 566 19.57 4.50 33.59
C TYR A 566 20.88 3.79 33.69
N THR A 567 20.92 2.78 34.57
CA THR A 567 22.05 1.90 34.69
C THR A 567 21.55 0.47 34.69
N LEU A 568 21.97 -0.28 33.68
CA LEU A 568 21.63 -1.69 33.52
C LEU A 568 22.84 -2.54 33.91
N THR A 569 22.66 -3.51 34.81
CA THR A 569 23.76 -4.35 35.24
C THR A 569 23.53 -5.81 34.84
N GLY A 570 24.54 -6.64 35.02
CA GLY A 570 24.44 -8.08 34.78
C GLY A 570 24.71 -8.43 33.30
N ILE A 571 25.32 -7.48 32.57
CA ILE A 571 25.67 -7.78 31.20
C ILE A 571 27.05 -8.45 31.19
N LYS A 572 27.05 -9.76 31.45
CA LYS A 572 28.28 -10.52 31.66
C LYS A 572 28.17 -11.83 30.91
N ALA A 573 29.28 -12.24 30.31
CA ALA A 573 29.33 -13.46 29.51
C ALA A 573 30.74 -14.06 29.65
N VAL A 574 30.85 -15.35 29.87
CA VAL A 574 32.13 -16.02 29.64
C VAL A 574 32.37 -16.26 28.19
N ILE A 575 33.42 -15.70 27.65
CA ILE A 575 33.66 -15.68 26.23
C ILE A 575 34.45 -16.92 25.88
N GLY A 576 33.86 -17.79 25.06
CA GLY A 576 34.47 -19.08 24.74
C GLY A 576 33.92 -19.51 23.40
N THR A 577 34.03 -20.81 23.08
CA THR A 577 33.47 -21.32 21.82
C THR A 577 31.96 -21.51 21.95
N SER A 578 31.48 -21.74 23.16
CA SER A 578 30.04 -21.80 23.45
C SER A 578 29.28 -20.52 23.12
N SER A 579 28.02 -20.69 22.71
CA SER A 579 27.02 -19.64 22.67
C SER A 579 26.50 -19.30 24.06
N VAL A 580 26.58 -18.01 24.43
CA VAL A 580 26.01 -17.54 25.70
C VAL A 580 25.26 -16.21 25.51
N PRO A 581 24.31 -15.88 26.41
CA PRO A 581 23.66 -14.57 26.25
C PRO A 581 24.67 -13.41 26.26
N TYR A 582 24.45 -12.43 25.39
CA TYR A 582 25.31 -11.22 25.32
C TYR A 582 26.73 -11.49 24.88
N LYS A 583 26.98 -12.70 24.39
CA LYS A 583 28.30 -12.99 23.90
C LYS A 583 28.91 -11.89 23.02
N GLN A 584 28.20 -11.45 21.97
CA GLN A 584 28.77 -10.41 21.07
C GLN A 584 28.82 -9.02 21.71
N ILE A 585 27.83 -8.70 22.52
CA ILE A 585 27.77 -7.41 23.20
C ILE A 585 29.02 -7.28 24.08
N VAL A 586 29.39 -8.37 24.73
CA VAL A 586 30.56 -8.40 25.60
C VAL A 586 31.89 -8.46 24.79
N SER A 587 32.00 -9.32 23.79
CA SER A 587 33.26 -9.38 23.04
CA SER A 587 33.26 -9.39 23.04
C SER A 587 33.51 -8.17 22.15
N ILE A 588 32.44 -7.60 21.58
CA ILE A 588 32.61 -6.42 20.73
C ILE A 588 32.58 -5.12 21.57
N GLY A 589 31.76 -5.10 22.61
CA GLY A 589 31.76 -3.95 23.50
C GLY A 589 31.16 -2.66 22.98
N LYS A 590 30.55 -2.66 21.79
CA LYS A 590 29.92 -1.44 21.24
C LYS A 590 28.88 -1.82 20.20
N GLY A 591 27.98 -0.89 19.88
CA GLY A 591 26.86 -1.12 18.97
C GLY A 591 25.91 0.04 19.11
N PHE A 592 24.62 -0.23 18.85
CA PHE A 592 23.61 0.82 18.73
C PHE A 592 22.46 0.55 19.70
N MET A 593 21.74 1.61 20.05
CA MET A 593 20.59 1.50 20.95
C MET A 593 19.41 2.16 20.23
N ASP A 594 18.27 1.51 20.25
CA ASP A 594 17.07 2.00 19.56
C ASP A 594 15.90 1.97 20.56
N GLY A 595 15.03 2.97 20.50
CA GLY A 595 13.93 3.05 21.46
C GLY A 595 12.61 2.69 20.80
N LYS A 596 11.73 1.97 21.50
CA LYS A 596 10.37 1.81 21.00
C LYS A 596 9.43 1.99 22.18
N LEU A 597 8.81 3.16 22.22
CA LEU A 597 7.91 3.57 23.27
C LEU A 597 6.47 3.33 22.83
N LEU A 598 5.67 2.76 23.73
CA LEU A 598 4.26 2.46 23.47
C LEU A 598 3.37 3.32 24.39
N ILE A 599 2.59 4.21 23.81
CA ILE A 599 1.67 5.08 24.56
C ILE A 599 0.24 4.61 24.35
N CYS A 600 -0.53 4.55 25.43
CA CYS A 600 -1.94 4.17 25.34
C CYS A 600 -2.77 5.37 24.97
N ALA A 601 -3.60 5.23 23.94
CA ALA A 601 -4.45 6.35 23.48
C ALA A 601 -5.92 5.95 23.53
N ASN A 602 -6.81 6.93 23.65
CA ASN A 602 -8.24 6.64 23.89
C ASN A 602 -9.01 6.64 22.57
N SER A 603 -9.56 5.50 22.13
CA SER A 603 -10.22 5.45 20.81
CA SER A 603 -10.21 5.47 20.81
C SER A 603 -11.50 6.30 20.77
N ALA A 604 -12.11 6.55 21.93
CA ALA A 604 -13.32 7.42 22.03
C ALA A 604 -13.03 8.91 22.02
N GLU A 605 -11.77 9.29 22.12
CA GLU A 605 -11.47 10.71 22.03
C GLU A 605 -11.37 11.18 20.57
N LEU A 606 -12.37 11.93 20.14
CA LEU A 606 -12.51 12.28 18.72
C LEU A 606 -12.15 13.73 18.47
N ASP A 607 -12.04 14.49 19.56
CA ASP A 607 -11.87 15.95 19.49
C ASP A 607 -10.41 16.27 19.66
N PRO A 608 -9.76 16.79 18.59
CA PRO A 608 -8.29 16.93 18.55
C PRO A 608 -7.74 18.00 19.51
N THR A 609 -8.62 18.87 20.03
CA THR A 609 -8.28 19.80 21.14
C THR A 609 -8.16 19.12 22.53
N MET A 610 -8.61 17.87 22.65
CA MET A 610 -8.46 17.15 23.92
C MET A 610 -7.16 16.32 23.99
N ASP A 611 -6.86 15.79 25.18
CA ASP A 611 -5.79 14.82 25.34
C ASP A 611 -6.24 13.40 24.94
N ALA A 612 -5.68 12.91 23.85
CA ALA A 612 -5.96 11.53 23.44
C ALA A 612 -5.19 10.45 24.21
N ALA A 613 -4.09 10.81 24.91
CA ALA A 613 -3.38 9.80 25.74
C ALA A 613 -4.17 9.35 26.95
N ILE A 614 -4.11 8.08 27.32
CA ILE A 614 -4.97 7.62 28.40
C ILE A 614 -4.24 6.65 29.32
N ASP A 615 -4.55 6.68 30.61
CA ASP A 615 -4.07 5.64 31.54
C ASP A 615 -4.27 4.22 31.01
N CYS A 616 -3.17 3.45 30.90
CA CYS A 616 -3.24 2.11 30.30
C CYS A 616 -4.14 1.13 31.05
N SER A 617 -4.34 1.35 32.34
CA SER A 617 -5.21 0.50 33.12
C SER A 617 -6.70 0.89 33.09
N ASN A 618 -7.06 1.94 32.34
CA ASN A 618 -8.46 2.36 32.26
C ASN A 618 -9.36 1.30 31.59
N THR A 619 -10.56 1.12 32.17
CA THR A 619 -11.52 0.11 31.70
C THR A 619 -12.74 0.67 30.91
N GLU A 620 -13.05 1.94 31.09
CA GLU A 620 -14.16 2.57 30.37
C GLU A 620 -14.00 2.40 28.83
N ALA A 621 -12.79 2.66 28.36
CA ALA A 621 -12.58 3.19 27.02
C ALA A 621 -11.78 2.20 26.16
N PRO A 622 -12.08 2.12 24.86
CA PRO A 622 -11.23 1.28 24.01
C PRO A 622 -9.87 1.99 23.74
N ILE A 623 -8.79 1.29 24.02
CA ILE A 623 -7.43 1.89 24.00
C ILE A 623 -6.67 1.35 22.78
N TYR A 624 -5.96 2.20 22.07
CA TYR A 624 -5.07 1.68 21.05
C TYR A 624 -3.65 2.17 21.37
N GLU A 625 -2.63 1.58 20.73
CA GLU A 625 -1.20 1.87 21.07
C GLU A 625 -0.59 2.81 20.04
N VAL A 626 0.13 3.82 20.52
CA VAL A 626 0.85 4.71 19.61
C VAL A 626 2.36 4.47 19.83
N ILE A 627 3.09 4.23 18.75
CA ILE A 627 4.49 3.83 18.82
C ILE A 627 5.32 5.09 18.58
N VAL A 628 6.30 5.33 19.44
CA VAL A 628 7.26 6.43 19.21
C VAL A 628 8.70 5.91 19.19
N GLY A 629 9.36 6.06 18.04
CA GLY A 629 10.72 5.58 17.93
C GLY A 629 11.66 6.70 18.37
N SER A 630 12.93 6.59 17.99
CA SER A 630 13.95 7.51 18.45
C SER A 630 15.08 7.56 17.45
N ASN A 631 16.08 8.39 17.77
CA ASN A 631 17.37 8.34 17.08
C ASN A 631 18.05 7.02 17.42
N LYS A 632 18.99 6.60 16.58
CA LYS A 632 19.79 5.44 16.87
C LYS A 632 21.07 5.89 17.55
N ALA A 633 21.13 5.73 18.88
CA ALA A 633 22.31 6.11 19.66
C ALA A 633 23.37 5.00 19.63
N SER A 634 24.61 5.31 20.03
CA SER A 634 25.66 4.33 20.17
C SER A 634 25.83 3.94 21.62
N PHE A 635 26.34 2.71 21.85
CA PHE A 635 26.98 2.44 23.14
C PHE A 635 28.43 2.00 22.86
N SER A 636 29.34 2.31 23.76
CA SER A 636 30.74 1.93 23.57
C SER A 636 31.43 2.14 24.90
N ALA A 637 32.69 1.77 24.98
CA ALA A 637 33.40 1.82 26.23
C ALA A 637 33.39 3.23 26.86
N ASP A 638 33.49 4.28 26.04
CA ASP A 638 33.48 5.65 26.59
C ASP A 638 32.32 6.51 26.12
N ALA A 639 31.32 5.86 25.52
CA ALA A 639 30.16 6.56 24.97
C ALA A 639 30.47 7.39 23.75
N SER A 640 31.60 7.17 23.09
CA SER A 640 31.77 7.82 21.80
C SER A 640 30.92 7.11 20.71
N ASN A 641 30.70 7.82 19.60
CA ASN A 641 29.88 7.34 18.52
C ASN A 641 30.49 6.13 17.92
N VAL A 642 29.64 5.20 17.51
CA VAL A 642 30.05 4.06 16.72
C VAL A 642 29.68 4.43 15.26
N THR A 643 30.62 4.30 14.34
CA THR A 643 30.35 4.75 12.97
C THR A 643 29.09 4.05 12.44
N ALA A 644 28.20 4.82 11.86
CA ALA A 644 26.94 4.27 11.38
C ALA A 644 27.10 3.12 10.39
N ARG A 645 26.26 2.10 10.50
CA ARG A 645 26.11 1.16 9.40
C ARG A 645 25.79 1.92 8.10
N SER A 646 26.32 1.44 6.96
CA SER A 646 25.96 2.02 5.66
C SER A 646 24.44 1.95 5.45
N ILE A 647 23.91 2.94 4.76
CA ILE A 647 22.50 3.00 4.39
C ILE A 647 22.41 2.64 2.91
N VAL A 648 21.65 1.60 2.57
CA VAL A 648 21.59 1.16 1.18
C VAL A 648 20.17 1.08 0.59
N ILE A 649 19.19 1.59 1.35
CA ILE A 649 17.81 1.77 0.84
C ILE A 649 17.30 3.06 1.41
N SER A 650 16.12 3.47 0.97
CA SER A 650 15.59 4.75 1.37
C SER A 650 14.38 4.55 2.25
N GLU A 651 14.46 5.08 3.47
CA GLU A 651 13.33 5.09 4.37
C GLU A 651 12.09 5.68 3.70
N ALA A 652 12.24 6.82 3.03
CA ALA A 652 11.09 7.50 2.41
C ALA A 652 10.45 6.64 1.33
N LYS A 653 11.25 5.82 0.67
CA LYS A 653 10.68 4.95 -0.36
C LYS A 653 9.78 3.80 0.16
N CYS A 654 10.18 3.13 1.24
CA CYS A 654 9.31 2.10 1.88
C CYS A 654 8.03 2.80 2.38
N ALA A 655 8.16 4.02 2.89
CA ALA A 655 6.98 4.79 3.33
C ALA A 655 6.04 5.16 2.20
N ASN A 656 6.53 5.25 0.96
CA ASN A 656 5.63 5.52 -0.19
C ASN A 656 4.46 4.53 -0.16
N CYS A 657 4.74 3.26 0.06
CA CYS A 657 3.69 2.25 0.06
C CYS A 657 3.19 1.94 1.46
N HIS A 658 4.11 1.85 2.43
CA HIS A 658 3.72 1.32 3.74
C HIS A 658 3.19 2.43 4.66
N GLY A 659 3.23 3.68 4.20
CA GLY A 659 2.96 4.85 5.06
C GLY A 659 4.20 5.14 5.92
N GLU A 660 4.25 6.35 6.47
CA GLU A 660 5.36 6.70 7.34
C GLU A 660 5.38 5.81 8.59
N LYS A 661 6.59 5.50 9.06
CA LYS A 661 6.78 4.83 10.36
C LYS A 661 5.91 3.57 10.49
N ALA A 662 5.86 2.77 9.43
CA ALA A 662 5.12 1.49 9.50
C ALA A 662 5.64 0.56 10.55
N ASP A 663 4.70 -0.10 11.24
CA ASP A 663 5.01 -1.02 12.31
C ASP A 663 4.95 -2.44 11.79
N PHE A 664 5.88 -3.29 12.19
CA PHE A 664 5.88 -4.67 11.71
C PHE A 664 5.82 -5.70 12.82
N SER A 665 5.36 -5.31 14.00
CA SER A 665 5.09 -6.29 15.05
C SER A 665 4.19 -7.41 14.55
N ALA A 666 3.14 -7.08 13.81
CA ALA A 666 2.19 -8.12 13.36
C ALA A 666 2.84 -9.11 12.38
N SER A 667 3.99 -8.75 11.83
CA SER A 667 4.74 -9.67 10.97
C SER A 667 5.38 -10.79 11.76
N HIS A 668 5.47 -10.60 13.09
CA HIS A 668 6.17 -11.54 14.01
C HIS A 668 5.17 -12.43 14.81
N ALA A 669 3.98 -12.63 14.23
CA ALA A 669 2.86 -13.31 14.92
C ALA A 669 2.96 -14.82 14.85
N LEU A 670 3.76 -15.38 13.97
CA LEU A 670 3.71 -16.84 13.84
C LEU A 670 4.23 -17.53 15.12
N THR A 671 5.43 -17.13 15.56
CA THR A 671 6.27 -18.00 16.44
C THR A 671 6.59 -17.26 17.70
N HIS A 672 6.15 -17.82 18.82
CA HIS A 672 6.40 -17.24 20.15
C HIS A 672 6.07 -15.76 20.25
N ALA A 673 4.94 -15.36 19.65
CA ALA A 673 4.62 -13.94 19.46
C ALA A 673 4.26 -13.29 20.78
N ALA A 674 3.76 -14.09 21.74
CA ALA A 674 3.28 -13.48 23.00
C ALA A 674 4.42 -13.37 24.02
N ASP A 675 5.56 -13.98 23.73
CA ASP A 675 6.72 -13.84 24.66
C ASP A 675 7.35 -12.41 24.54
N LYS A 676 7.47 -11.72 25.67
CA LYS A 676 8.05 -10.38 25.73
C LYS A 676 9.54 -10.35 25.33
N PRO A 677 10.01 -9.20 24.85
CA PRO A 677 11.34 -9.26 24.25
C PRO A 677 12.45 -9.18 25.32
N ASP A 678 12.10 -9.10 26.59
CA ASP A 678 13.14 -9.28 27.65
C ASP A 678 13.10 -10.68 28.29
N ASN A 679 12.42 -11.63 27.66
CA ASN A 679 12.11 -12.91 28.29
C ASN A 679 12.34 -14.08 27.35
N SER A 680 13.53 -14.72 27.43
CA SER A 680 13.80 -16.01 26.79
C SER A 680 13.52 -15.98 25.26
N CYS A 681 12.68 -16.90 24.76
CA CYS A 681 12.36 -16.98 23.30
C CYS A 681 11.91 -15.62 22.75
N GLY A 682 11.17 -14.87 23.53
CA GLY A 682 10.72 -13.54 23.10
C GLY A 682 11.81 -12.55 22.69
N THR A 683 13.04 -12.73 23.20
CA THR A 683 14.17 -11.83 22.84
C THR A 683 14.20 -11.63 21.36
N CYS A 684 14.02 -12.72 20.60
CA CYS A 684 13.99 -12.67 19.15
C CYS A 684 12.58 -12.70 18.52
N HIS A 685 11.64 -13.42 19.15
CA HIS A 685 10.39 -13.85 18.49
C HIS A 685 9.25 -12.88 18.78
N SER A 686 9.41 -12.02 19.80
CA SER A 686 8.25 -11.21 20.23
C SER A 686 7.51 -10.50 19.11
N ALA A 687 6.20 -10.45 19.26
CA ALA A 687 5.36 -9.47 18.52
C ALA A 687 4.75 -8.46 19.50
N VAL A 688 5.18 -8.46 20.75
CA VAL A 688 4.49 -7.68 21.76
C VAL A 688 5.43 -6.80 22.59
N PRO A 689 6.10 -5.81 21.96
CA PRO A 689 6.12 -5.61 20.51
C PRO A 689 7.34 -6.33 19.89
N ASN A 690 7.41 -6.35 18.58
CA ASN A 690 8.74 -6.45 17.95
C ASN A 690 9.46 -5.12 18.26
N THR A 691 10.76 -5.16 18.61
CA THR A 691 11.39 -3.99 19.21
C THR A 691 12.04 -3.02 18.18
N ALA A 692 11.86 -3.25 16.87
CA ALA A 692 12.52 -2.38 15.87
C ALA A 692 11.50 -1.39 15.36
N VAL A 693 11.98 -0.26 14.86
CA VAL A 693 11.10 0.74 14.26
C VAL A 693 11.47 1.11 12.81
N ALA A 694 12.60 1.81 12.63
CA ALA A 694 12.96 2.35 11.33
C ALA A 694 13.33 1.20 10.38
N LEU A 695 13.19 1.42 9.08
CA LEU A 695 13.34 0.34 8.10
C LEU A 695 14.68 0.32 7.40
N ALA A 696 15.27 1.50 7.23
CA ALA A 696 16.42 1.67 6.34
C ALA A 696 17.76 1.91 7.05
N ASP A 697 17.74 1.92 8.39
CA ASP A 697 18.95 2.20 9.19
C ASP A 697 19.55 0.98 9.84
N GLY A 698 19.11 -0.19 9.40
CA GLY A 698 19.64 -1.42 9.96
C GLY A 698 18.92 -1.97 11.19
N SER A 699 17.92 -1.27 11.70
CA SER A 699 17.23 -1.79 12.91
C SER A 699 16.69 -3.20 12.72
N CYS A 700 16.18 -3.50 11.52
CA CYS A 700 15.65 -4.84 11.23
C CYS A 700 16.80 -5.84 11.08
N VAL A 701 17.91 -5.38 10.51
CA VAL A 701 19.05 -6.26 10.17
C VAL A 701 19.79 -6.72 11.42
N ALA A 702 19.57 -6.02 12.54
CA ALA A 702 20.06 -6.49 13.85
C ALA A 702 19.80 -7.98 14.07
N CYS A 703 18.62 -8.43 13.66
CA CYS A 703 18.27 -9.86 13.61
C CYS A 703 18.31 -10.45 12.21
N HIS A 704 17.65 -9.78 11.27
CA HIS A 704 17.54 -10.30 9.90
C HIS A 704 18.86 -10.15 9.13
N ASN A 705 19.81 -11.03 9.42
CA ASN A 705 21.15 -10.94 8.84
C ASN A 705 21.62 -12.31 8.38
N GLY A 706 22.93 -12.45 8.10
CA GLY A 706 23.45 -13.63 7.46
C GLY A 706 23.53 -14.82 8.40
N ALA A 707 23.24 -14.60 9.68
CA ALA A 707 23.42 -15.70 10.68
C ALA A 707 22.21 -16.05 11.55
N PRO A 708 21.07 -16.40 10.93
CA PRO A 708 19.91 -16.76 11.75
C PRO A 708 20.28 -17.87 12.75
N ALA A 709 19.73 -17.80 13.98
CA ALA A 709 20.21 -18.65 15.10
C ALA A 709 19.96 -20.14 14.96
N HIS A 710 18.71 -20.51 14.69
CA HIS A 710 18.30 -21.90 14.84
C HIS A 710 17.05 -22.14 14.00
N SER A 711 16.69 -23.41 13.85
CA SER A 711 15.52 -23.80 13.06
C SER A 711 15.53 -23.09 11.70
N LYS A 712 16.70 -23.05 11.07
CA LYS A 712 16.94 -22.21 9.95
C LYS A 712 16.08 -22.56 8.76
N LYS A 713 15.78 -21.56 7.94
CA LYS A 713 15.05 -21.76 6.71
C LYS A 713 16.05 -21.86 5.57
N PRO A 714 15.67 -22.53 4.47
CA PRO A 714 16.51 -22.56 3.29
C PRO A 714 16.48 -21.20 2.57
N PHE A 715 17.39 -21.02 1.62
CA PHE A 715 17.57 -19.76 0.91
C PHE A 715 16.27 -19.25 0.29
N GLU A 716 15.47 -20.16 -0.28
CA GLU A 716 14.26 -19.74 -1.01
C GLU A 716 13.16 -19.18 -0.11
N ARG A 717 13.39 -19.20 1.21
CA ARG A 717 12.58 -18.35 2.09
C ARG A 717 13.49 -17.82 3.23
N GLY A 718 14.63 -17.24 2.85
CA GLY A 718 15.73 -16.99 3.78
C GLY A 718 15.41 -15.86 4.76
N PHE A 719 16.12 -15.83 5.87
CA PHE A 719 15.88 -14.89 6.98
C PHE A 719 16.56 -13.54 6.78
N ASP A 720 17.64 -13.55 6.01
CA ASP A 720 18.53 -12.41 5.83
C ASP A 720 17.76 -11.23 5.20
N PHE A 721 17.96 -10.02 5.66
CA PHE A 721 16.99 -8.94 5.35
C PHE A 721 16.80 -8.67 3.86
N LYS A 722 17.90 -8.46 3.14
CA LYS A 722 17.78 -8.20 1.71
C LYS A 722 17.11 -9.35 0.99
N VAL A 723 17.43 -10.57 1.39
CA VAL A 723 16.92 -11.75 0.72
C VAL A 723 15.41 -11.88 0.99
N MET A 724 15.00 -11.65 2.25
CA MET A 724 13.57 -11.72 2.60
C MET A 724 12.74 -10.64 1.89
N ILE A 725 13.26 -9.41 1.85
CA ILE A 725 12.49 -8.27 1.34
C ILE A 725 12.41 -8.34 -0.19
N HIS A 726 13.53 -8.71 -0.85
CA HIS A 726 13.47 -9.01 -2.27
C HIS A 726 12.41 -10.07 -2.58
N GLN A 727 12.50 -11.22 -1.93
CA GLN A 727 11.62 -12.34 -2.22
C GLN A 727 10.14 -12.00 -1.99
N ILE A 728 9.84 -11.26 -0.93
CA ILE A 728 8.43 -10.93 -0.66
C ILE A 728 7.85 -10.11 -1.80
N HIS A 729 8.59 -9.08 -2.21
CA HIS A 729 8.06 -8.06 -3.08
C HIS A 729 8.17 -8.51 -4.54
N ALA A 730 9.08 -9.44 -4.85
CA ALA A 730 9.20 -10.04 -6.20
C ALA A 730 8.38 -11.31 -6.38
N ASP A 731 7.67 -11.73 -5.33
N ASP A 731 7.76 -11.77 -5.29
CA ASP A 731 6.99 -13.03 -5.29
CA ASP A 731 7.01 -13.02 -5.32
C ASP A 731 7.92 -14.18 -5.69
C ASP A 731 7.91 -14.19 -5.68
N THR A 732 9.11 -14.21 -5.09
CA THR A 732 9.97 -15.36 -5.16
C THR A 732 10.21 -16.07 -3.85
N ARG A 733 9.47 -15.69 -2.79
CA ARG A 733 9.54 -16.41 -1.53
C ARG A 733 8.75 -17.69 -1.63
N SER A 734 9.37 -18.82 -1.30
CA SER A 734 8.66 -20.08 -1.45
C SER A 734 7.43 -20.15 -0.54
N VAL A 735 7.56 -19.65 0.69
CA VAL A 735 6.47 -19.72 1.69
C VAL A 735 6.53 -18.43 2.49
N ARG A 736 5.39 -17.75 2.67
CA ARG A 736 5.31 -16.62 3.61
C ARG A 736 4.78 -17.15 4.93
N ARG A 737 5.40 -16.75 6.02
CA ARG A 737 5.04 -17.34 7.33
C ARG A 737 3.54 -17.23 7.68
N LEU A 738 2.89 -16.12 7.30
CA LEU A 738 1.59 -15.78 7.89
C LEU A 738 0.43 -15.83 6.89
N THR A 739 0.71 -16.12 5.63
CA THR A 739 -0.36 -16.19 4.63
C THR A 739 0.08 -17.11 3.49
N THR A 740 -0.89 -17.73 2.81
CA THR A 740 -0.61 -18.47 1.58
C THR A 740 -0.61 -17.57 0.34
N ASP A 741 -0.98 -16.29 0.50
CA ASP A 741 -1.12 -15.41 -0.65
C ASP A 741 0.19 -14.62 -0.91
N ALA A 742 0.70 -14.73 -2.13
CA ALA A 742 1.84 -13.92 -2.58
C ALA A 742 1.52 -12.44 -2.45
N ALA A 743 2.53 -11.61 -2.14
CA ALA A 743 2.29 -10.18 -2.16
C ALA A 743 1.88 -9.76 -3.58
N THR A 744 0.87 -8.87 -3.67
CA THR A 744 0.53 -8.17 -4.93
C THR A 744 1.21 -6.81 -5.00
N PHE A 745 2.44 -6.82 -5.50
CA PHE A 745 3.30 -5.64 -5.45
C PHE A 745 2.87 -4.71 -6.58
N PRO A 746 2.55 -3.42 -6.27
CA PRO A 746 1.94 -2.56 -7.29
C PRO A 746 2.96 -1.81 -8.17
N GLU A 747 4.24 -2.05 -7.92
CA GLU A 747 5.32 -1.58 -8.81
C GLU A 747 5.88 -2.77 -9.55
N ASN A 748 6.88 -2.52 -10.42
CA ASN A 748 7.77 -3.58 -10.94
C ASN A 748 8.87 -3.90 -9.93
N PRO A 749 8.98 -5.15 -9.45
CA PRO A 749 9.99 -5.41 -8.44
C PRO A 749 11.41 -5.16 -9.01
N ALA A 750 11.56 -5.28 -10.33
CA ALA A 750 12.87 -5.08 -10.97
C ALA A 750 13.17 -3.60 -11.16
N ASN A 751 12.20 -2.76 -10.83
CA ASN A 751 12.48 -1.33 -10.68
C ASN A 751 13.14 -1.06 -9.34
N CYS A 752 14.46 -1.17 -9.32
CA CYS A 752 15.23 -1.04 -8.10
C CYS A 752 14.97 0.28 -7.41
N ALA A 753 14.70 1.34 -8.18
CA ALA A 753 14.43 2.64 -7.59
C ALA A 753 13.16 2.70 -6.78
N ALA A 754 12.34 1.64 -6.81
CA ALA A 754 11.21 1.59 -5.88
C ALA A 754 11.63 1.62 -4.41
N CYS A 755 12.84 1.15 -4.12
CA CYS A 755 13.33 1.06 -2.75
C CYS A 755 14.74 1.62 -2.57
N HIS A 756 15.55 1.59 -3.63
CA HIS A 756 16.96 2.00 -3.57
C HIS A 756 17.09 3.40 -4.22
N ASP A 757 17.88 4.28 -3.61
CA ASP A 757 18.23 5.56 -4.23
C ASP A 757 19.46 5.45 -5.15
N LYS A 758 19.59 6.38 -6.08
CA LYS A 758 20.77 6.40 -6.97
C LYS A 758 22.03 6.48 -6.10
N GLY A 759 23.01 5.65 -6.40
CA GLY A 759 24.25 5.67 -5.62
C GLY A 759 24.35 4.60 -4.53
N GLN A 760 23.23 3.97 -4.18
CA GLN A 760 23.20 3.05 -3.01
C GLN A 760 23.65 1.65 -3.42
N LEU A 761 23.65 1.39 -4.73
CA LEU A 761 24.06 0.11 -5.29
C LEU A 761 25.43 0.12 -6.04
N SER A 762 26.47 0.67 -5.40
CA SER A 762 27.82 0.59 -5.98
C SER A 762 28.34 -0.82 -5.84
N LEU A 763 27.82 -1.55 -4.84
CA LEU A 763 28.30 -2.90 -4.50
C LEU A 763 29.77 -2.95 -4.06
N ALA A 764 30.34 -1.79 -3.78
CA ALA A 764 31.79 -1.62 -3.60
C ALA A 764 32.32 -2.44 -2.42
N THR A 765 31.62 -2.38 -1.29
CA THR A 765 32.05 -3.13 -0.13
C THR A 765 31.17 -4.38 0.16
N LEU A 766 30.16 -4.63 -0.68
CA LEU A 766 29.25 -5.73 -0.37
C LEU A 766 29.96 -7.08 -0.16
N GLY A 767 30.91 -7.39 -1.04
CA GLY A 767 31.65 -8.65 -0.96
C GLY A 767 32.49 -8.80 0.29
N ASN A 768 32.66 -7.72 1.06
CA ASN A 768 33.37 -7.80 2.33
C ASN A 768 32.50 -8.24 3.52
N LYS A 769 31.18 -8.31 3.33
CA LYS A 769 30.29 -8.80 4.39
C LYS A 769 30.42 -10.31 4.60
N PRO A 770 29.95 -10.80 5.76
CA PRO A 770 29.90 -12.25 5.90
C PRO A 770 28.82 -12.87 5.01
N ALA A 771 29.04 -14.12 4.61
CA ALA A 771 28.05 -14.90 3.89
C ALA A 771 26.75 -15.04 4.72
N PHE A 772 25.65 -15.26 4.02
CA PHE A 772 24.39 -15.69 4.63
C PHE A 772 24.40 -17.23 4.73
N LEU A 773 24.48 -17.74 5.95
CA LEU A 773 24.32 -19.17 6.26
C LEU A 773 22.83 -19.55 6.50
N ALA A 774 22.20 -20.10 5.45
CA ALA A 774 20.82 -20.60 5.49
C ALA A 774 20.85 -22.06 5.96
N SER A 775 19.70 -22.75 5.94
CA SER A 775 19.66 -24.07 6.59
C SER A 775 20.68 -25.03 5.97
N THR A 776 20.83 -24.97 4.64
CA THR A 776 21.54 -26.02 3.86
C THR A 776 23.00 -25.62 3.54
N GLY A 777 23.32 -24.34 3.67
CA GLY A 777 24.60 -23.88 3.20
C GLY A 777 24.61 -22.39 3.12
N GLU A 778 25.75 -21.83 2.75
CA GLU A 778 25.90 -20.37 2.81
C GLU A 778 26.01 -19.78 1.43
N TYR A 779 25.73 -18.50 1.36
CA TYR A 779 25.67 -17.77 0.11
C TYR A 779 26.44 -16.48 0.30
N SER A 780 27.42 -16.18 -0.56
CA SER A 780 28.21 -14.95 -0.44
C SER A 780 27.30 -13.75 -0.60
N PRO A 781 27.72 -12.57 -0.10
CA PRO A 781 26.73 -11.49 0.09
C PRO A 781 26.10 -10.96 -1.20
N THR A 782 26.87 -10.81 -2.29
CA THR A 782 26.28 -10.24 -3.53
C THR A 782 25.44 -11.34 -4.19
N VAL A 783 25.96 -12.56 -4.15
CA VAL A 783 25.17 -13.74 -4.58
C VAL A 783 23.80 -13.84 -3.89
N ALA A 784 23.76 -13.73 -2.57
CA ALA A 784 22.50 -13.71 -1.82
C ALA A 784 21.61 -12.58 -2.33
N ALA A 785 22.17 -11.38 -2.47
CA ALA A 785 21.39 -10.22 -2.90
C ALA A 785 20.69 -10.43 -4.25
N CYS A 786 21.46 -10.89 -5.24
CA CYS A 786 20.93 -11.09 -6.59
C CYS A 786 20.11 -12.37 -6.68
N ALA A 787 20.59 -13.45 -6.09
CA ALA A 787 19.93 -14.72 -6.32
C ALA A 787 18.56 -14.73 -5.62
N SER A 788 18.35 -13.79 -4.71
CA SER A 788 17.04 -13.73 -4.01
C SER A 788 15.89 -13.55 -5.01
N CYS A 789 16.17 -12.90 -6.15
CA CYS A 789 15.26 -13.02 -7.31
C CYS A 789 15.72 -14.00 -8.39
N HIS A 790 17.03 -14.00 -8.73
CA HIS A 790 17.50 -14.61 -9.98
C HIS A 790 17.68 -16.13 -9.86
N ALA A 791 17.76 -16.67 -8.64
CA ALA A 791 18.13 -18.09 -8.46
C ALA A 791 17.85 -18.59 -7.07
N THR A 792 16.59 -18.77 -6.71
CA THR A 792 16.36 -19.08 -5.33
C THR A 792 16.69 -20.55 -5.06
N THR A 793 16.84 -21.32 -6.16
CA THR A 793 17.41 -22.67 -6.11
C THR A 793 18.36 -22.90 -7.30
N ALA A 794 19.20 -23.93 -7.22
CA ALA A 794 20.24 -24.18 -8.25
C ALA A 794 19.59 -24.82 -9.48
N THR A 795 18.58 -24.16 -10.00
CA THR A 795 17.76 -24.70 -11.06
C THR A 795 18.37 -24.53 -12.47
N ASP A 796 19.24 -23.53 -12.62
CA ASP A 796 19.92 -23.23 -13.87
C ASP A 796 21.42 -23.18 -13.57
N SER A 797 22.13 -24.24 -13.94
CA SER A 797 23.50 -24.40 -13.50
C SER A 797 24.39 -23.39 -14.17
N ALA A 798 23.88 -22.73 -15.21
CA ALA A 798 24.67 -21.70 -15.86
C ALA A 798 24.77 -20.48 -14.97
N VAL A 799 23.65 -20.06 -14.42
CA VAL A 799 23.62 -18.90 -13.54
C VAL A 799 24.44 -19.19 -12.27
N ILE A 800 24.27 -20.37 -11.69
CA ILE A 800 25.08 -20.80 -10.55
C ILE A 800 26.60 -20.83 -10.84
N GLY A 801 26.98 -21.32 -12.02
CA GLY A 801 28.38 -21.24 -12.45
C GLY A 801 28.93 -19.84 -12.61
N HIS A 802 28.10 -18.92 -13.14
CA HIS A 802 28.50 -17.50 -13.25
C HIS A 802 28.89 -16.97 -11.88
N PHE A 803 28.12 -17.30 -10.85
CA PHE A 803 28.40 -16.85 -9.49
C PHE A 803 29.77 -17.41 -9.09
N GLU A 804 29.92 -18.73 -9.25
CA GLU A 804 31.09 -19.41 -8.75
C GLU A 804 32.40 -19.04 -9.48
N THR A 805 32.27 -18.81 -10.78
CA THR A 805 33.33 -18.27 -11.64
C THR A 805 33.88 -16.95 -11.12
N ASN A 806 33.02 -16.12 -10.53
CA ASN A 806 33.43 -14.76 -10.21
C ASN A 806 33.56 -14.51 -8.72
N GLY A 807 33.91 -15.56 -7.99
CA GLY A 807 34.32 -15.42 -6.59
C GLY A 807 33.18 -15.61 -5.62
N GLY A 808 32.01 -16.02 -6.12
CA GLY A 808 30.84 -16.18 -5.28
C GLY A 808 30.71 -17.61 -4.79
N VAL A 809 29.95 -17.81 -3.71
CA VAL A 809 29.59 -19.15 -3.31
C VAL A 809 28.06 -19.27 -3.20
N TYR A 810 27.53 -20.47 -3.49
CA TYR A 810 26.11 -20.66 -3.52
C TYR A 810 25.80 -21.97 -2.85
N ASN A 811 25.13 -21.91 -1.70
CA ASN A 811 24.77 -23.11 -0.96
C ASN A 811 25.99 -23.99 -0.65
N ALA A 812 27.07 -23.35 -0.23
CA ALA A 812 28.34 -24.05 0.03
C ALA A 812 28.37 -24.40 1.52
N ALA A 813 29.24 -25.33 1.92
CA ALA A 813 29.47 -25.57 3.34
C ALA A 813 29.87 -24.32 4.13
N ALA A 814 29.49 -24.28 5.40
CA ALA A 814 29.77 -23.11 6.21
C ALA A 814 31.26 -22.87 6.21
N GLY A 815 31.67 -21.62 6.08
CA GLY A 815 33.07 -21.26 6.27
C GLY A 815 33.78 -21.16 4.94
N THR A 816 33.10 -21.50 3.86
CA THR A 816 33.72 -21.60 2.55
C THR A 816 34.13 -20.25 1.99
N TYR A 817 33.23 -19.28 2.06
CA TYR A 817 33.44 -17.98 1.43
C TYR A 817 34.46 -17.19 2.23
N THR A 818 35.34 -16.48 1.53
CA THR A 818 36.26 -15.55 2.20
C THR A 818 35.88 -14.13 1.83
N PRO A 819 35.61 -13.28 2.83
CA PRO A 819 35.29 -11.89 2.58
C PRO A 819 36.32 -11.25 1.66
N GLY A 820 35.87 -10.59 0.59
CA GLY A 820 36.80 -10.00 -0.37
C GLY A 820 36.87 -10.72 -1.70
N SER A 821 36.35 -11.93 -1.77
CA SER A 821 36.50 -12.76 -2.97
C SER A 821 35.57 -12.41 -4.13
N GLU A 822 34.34 -12.03 -3.81
CA GLU A 822 33.42 -11.64 -4.87
C GLU A 822 34.03 -10.51 -5.67
N THR A 823 33.95 -10.62 -7.00
CA THR A 823 34.39 -9.53 -7.87
C THR A 823 33.22 -8.87 -8.61
N CYS A 824 31.99 -9.19 -8.21
CA CYS A 824 30.78 -8.63 -8.83
C CYS A 824 30.78 -7.15 -9.13
N ALA A 825 31.27 -6.33 -8.20
CA ALA A 825 31.09 -4.89 -8.33
C ALA A 825 31.66 -4.35 -9.65
N THR A 826 32.70 -5.03 -10.14
CA THR A 826 33.47 -4.48 -11.25
C THR A 826 32.59 -4.43 -12.52
N CYS A 827 31.65 -5.37 -12.63
CA CYS A 827 30.70 -5.37 -13.77
C CYS A 827 29.25 -4.94 -13.49
N HIS A 828 28.81 -5.04 -12.23
CA HIS A 828 27.39 -4.88 -11.92
C HIS A 828 27.11 -3.66 -11.02
N GLY A 829 28.13 -3.03 -10.47
CA GLY A 829 27.89 -1.79 -9.70
C GLY A 829 27.16 -0.77 -10.57
N GLU A 830 26.45 0.17 -9.99
CA GLU A 830 25.77 1.18 -10.82
C GLU A 830 26.80 1.80 -11.78
N GLY A 831 26.42 1.99 -13.04
CA GLY A 831 27.26 2.75 -13.97
C GLY A 831 28.31 1.90 -14.69
N LYS A 832 28.50 0.66 -14.25
CA LYS A 832 29.47 -0.24 -14.88
C LYS A 832 28.95 -0.86 -16.15
N SER A 833 29.79 -1.70 -16.77
CA SER A 833 29.43 -2.38 -18.01
C SER A 833 28.05 -2.99 -17.91
N PHE A 834 27.81 -3.77 -16.87
CA PHE A 834 26.51 -4.41 -16.69
C PHE A 834 25.81 -3.93 -15.43
N GLY A 835 25.88 -2.63 -15.21
CA GLY A 835 25.45 -2.01 -13.97
C GLY A 835 23.99 -2.29 -13.69
N VAL A 836 23.66 -2.49 -12.41
CA VAL A 836 22.27 -2.78 -12.03
C VAL A 836 21.30 -1.73 -12.50
N ASP A 837 21.78 -0.50 -12.66
CA ASP A 837 20.93 0.56 -13.19
C ASP A 837 20.70 0.49 -14.69
N LYS A 838 21.44 -0.36 -15.37
CA LYS A 838 21.38 -0.43 -16.82
C LYS A 838 20.62 -1.65 -17.29
N VAL A 839 20.75 -2.75 -16.55
CA VAL A 839 20.14 -4.01 -16.95
C VAL A 839 18.70 -4.17 -16.43
N HIS A 840 18.25 -3.25 -15.57
CA HIS A 840 16.95 -3.44 -14.87
C HIS A 840 16.04 -2.28 -15.29
N PRO A 841 14.71 -2.50 -15.36
CA PRO A 841 13.87 -1.37 -15.75
C PRO A 841 13.68 -0.34 -14.64
N VAL A 842 14.75 0.33 -14.26
CA VAL A 842 14.72 1.31 -13.18
C VAL A 842 14.06 2.61 -13.59
N LYS A 843 13.41 3.28 -12.64
CA LYS A 843 12.86 4.61 -12.87
C LYS A 843 13.22 5.54 -11.73
N TYR A 844 14.45 6.05 -11.73
CA TYR A 844 14.89 7.07 -10.75
C TYR A 844 14.29 8.41 -11.14
FE HEC B . -4.08 0.76 -6.40
CHA HEC B . -4.57 -2.47 -7.61
CHB HEC B . -6.14 1.94 -8.78
CHC HEC B . -3.71 4.04 -5.12
CHD HEC B . -1.98 -0.38 -4.01
NA HEC B . -5.10 -0.11 -7.94
C1A HEC B . -5.19 -1.43 -8.25
C2A HEC B . -6.06 -1.59 -9.38
C3A HEC B . -6.51 -0.37 -9.72
C4A HEC B . -5.90 0.59 -8.82
CMA HEC B . -7.45 -0.06 -10.90
CAA HEC B . -6.31 -2.96 -10.05
CBA HEC B . -5.16 -3.17 -11.06
CGA HEC B . -5.53 -4.46 -11.79
O1A HEC B . -6.40 -4.43 -12.68
O2A HEC B . -5.22 -5.55 -11.26
NB HEC B . -4.76 2.56 -6.82
C1B HEC B . -5.65 2.84 -7.88
C2B HEC B . -5.90 4.27 -7.92
C3B HEC B . -5.21 4.84 -6.92
C4B HEC B . -4.50 3.80 -6.22
CMB HEC B . -6.78 5.01 -8.97
CAB HEC B . -5.10 6.35 -6.53
CBB HEC B . -6.50 6.99 -6.24
NC HEC B . -3.06 1.68 -4.86
C1C HEC B . -3.01 3.01 -4.50
C2C HEC B . -2.17 3.17 -3.35
C3C HEC B . -1.67 1.95 -3.07
C4C HEC B . -2.22 1.00 -4.02
CMC HEC B . -1.87 4.56 -2.75
CAC HEC B . -0.65 1.52 -1.97
CBC HEC B . -1.09 2.01 -0.56
ND HEC B . -3.39 -1.08 -5.93
C1D HEC B . -2.49 -1.33 -4.87
C2D HEC B . -2.18 -2.74 -4.80
C3D HEC B . -2.98 -3.36 -5.93
C4D HEC B . -3.71 -2.29 -6.54
CMD HEC B . -1.23 -3.49 -3.83
CAD HEC B . -2.94 -4.83 -6.43
CBD HEC B . -1.60 -4.96 -7.21
CGD HEC B . -1.69 -4.30 -8.56
O1D HEC B . -2.45 -4.81 -9.40
O2D HEC B . -1.05 -3.25 -8.80
FE HEC C . -12.80 0.37 -16.65
CHA HEC C . -14.04 -2.82 -15.76
CHB HEC C . -10.61 0.21 -14.18
CHC HEC C . -11.40 3.38 -17.76
CHD HEC C . -15.32 0.78 -18.78
NA HEC C . -12.41 -1.04 -15.27
C1A HEC C . -12.93 -2.31 -15.10
C2A HEC C . -12.17 -2.99 -14.08
C3A HEC C . -11.25 -2.15 -13.62
C4A HEC C . -11.40 -0.90 -14.33
CMA HEC C . -10.24 -2.44 -12.48
CAA HEC C . -12.44 -4.43 -13.57
CBA HEC C . -11.42 -5.35 -14.24
CGA HEC C . -11.61 -5.49 -15.74
O1A HEC C . -10.61 -5.36 -16.50
O2A HEC C . -12.77 -5.75 -16.20
NB HEC C . -11.30 1.54 -16.14
C1B HEC C . -10.59 1.32 -14.98
C2B HEC C . -9.64 2.38 -14.81
C3B HEC C . -9.85 3.27 -15.81
C4B HEC C . -10.88 2.74 -16.66
CMB HEC C . -8.74 2.55 -13.57
CAB HEC C . -9.17 4.63 -16.07
CBB HEC C . -7.64 4.50 -16.36
NC HEC C . -13.21 1.79 -17.98
C1C HEC C . -12.54 2.92 -18.36
C2C HEC C . -13.27 3.60 -19.41
C3C HEC C . -14.26 2.80 -19.78
C4C HEC C . -14.30 1.70 -18.84
CMC HEC C . -12.70 4.85 -20.15
CAC HEC C . -15.38 3.03 -20.85
CBC HEC C . -14.88 3.28 -22.29
ND HEC C . -14.42 -0.84 -17.14
C1D HEC C . -15.39 -0.37 -18.03
C2D HEC C . -16.51 -1.27 -18.04
C3D HEC C . -16.12 -2.44 -17.15
C4D HEC C . -14.82 -2.06 -16.61
CMD HEC C . -17.82 -1.15 -18.87
CAD HEC C . -16.98 -3.70 -16.88
CBD HEC C . -16.94 -4.61 -18.13
CGD HEC C . -17.87 -5.78 -17.91
O1D HEC C . -17.63 -6.86 -18.49
O2D HEC C . -18.85 -5.66 -17.09
FE HEC D . -11.87 6.88 -1.11
CHA HEC D . -13.93 8.14 -3.45
CHB HEC D . -14.11 7.94 1.34
CHC HEC D . -9.92 5.50 1.31
CHD HEC D . -9.61 5.90 -3.49
NA HEC D . -13.69 7.86 -1.03
C1A HEC D . -14.36 8.24 -2.16
C2A HEC D . -15.61 8.89 -1.77
C3A HEC D . -15.69 8.83 -0.43
C4A HEC D . -14.47 8.19 0.05
CMA HEC D . -16.82 9.43 0.45
CAA HEC D . -16.59 9.55 -2.77
CBA HEC D . -16.14 11.00 -3.10
CGA HEC D . -17.05 11.59 -4.18
O1A HEC D . -17.24 12.85 -4.22
O2A HEC D . -17.56 10.82 -5.03
NB HEC D . -12.00 6.74 0.90
C1B HEC D . -12.95 7.32 1.73
C2B HEC D . -12.54 7.12 3.09
C3B HEC D . -11.37 6.50 3.10
C4B HEC D . -11.04 6.19 1.73
CMB HEC D . -13.31 7.73 4.31
CAB HEC D . -10.53 6.07 4.34
CBB HEC D . -11.35 5.32 5.39
NC HEC D . -10.07 5.91 -1.11
C1C HEC D . -9.48 5.38 0.01
C2C HEC D . -8.21 4.78 -0.40
C3C HEC D . -8.19 4.74 -1.75
C4C HEC D . -9.33 5.50 -2.20
CMC HEC D . -7.38 4.02 0.67
CAC HEC D . -7.08 4.21 -2.73
CBC HEC D . -6.87 2.69 -2.69
ND HEC D . -11.77 7.02 -3.11
C1D HEC D . -10.74 6.54 -3.93
C2D HEC D . -11.07 6.80 -5.31
C3D HEC D . -12.42 7.44 -5.29
C4D HEC D . -12.77 7.56 -3.91
CMD HEC D . -10.25 6.47 -6.58
CAD HEC D . -13.29 7.80 -6.53
CBD HEC D . -13.08 9.20 -7.06
CGD HEC D . -14.13 9.38 -8.17
O1D HEC D . -15.28 8.91 -8.00
O2D HEC D . -13.76 9.87 -9.25
FE HEC E . -16.16 4.58 7.44
CHA HEC E . -15.35 4.05 10.74
CHB HEC E . -18.91 6.30 8.43
CHC HEC E . -16.74 5.42 4.18
CHD HEC E . -13.51 2.67 6.46
NA HEC E . -16.97 5.07 9.24
C1A HEC E . -16.47 4.81 10.49
C2A HEC E . -17.29 5.45 11.49
C3A HEC E . -18.28 6.08 10.84
C4A HEC E . -18.08 5.86 9.43
CMA HEC E . -19.40 6.96 11.45
CAA HEC E . -17.07 5.41 13.04
CBA HEC E . -17.59 4.06 13.49
CGA HEC E . -17.41 3.85 14.98
O1A HEC E . -17.99 2.87 15.51
O2A HEC E . -16.62 4.58 15.62
NB HEC E . -17.57 5.60 6.48
C1B HEC E . -18.64 6.27 7.08
C2B HEC E . -19.33 7.06 6.09
C3B HEC E . -18.76 6.75 4.90
C4B HEC E . -17.60 5.90 5.14
CMB HEC E . -20.63 7.89 6.39
CAB HEC E . -19.05 7.39 3.53
CBB HEC E . -18.64 8.87 3.66
NC HEC E . -15.31 4.10 5.67
C1C HEC E . -15.69 4.57 4.43
C2C HEC E . -14.86 3.94 3.42
C3C HEC E . -13.94 3.21 4.06
C4C HEC E . -14.23 3.29 5.46
CMC HEC E . -15.01 4.23 1.91
CAC HEC E . -12.85 2.28 3.46
CBC HEC E . -11.94 2.95 2.41
ND HEC E . -14.68 3.52 8.43
C1D HEC E . -13.62 2.89 7.80
C2D HEC E . -12.70 2.37 8.79
C3D HEC E . -13.29 2.80 10.12
C4D HEC E . -14.51 3.51 9.80
CMD HEC E . -11.35 1.62 8.62
CAD HEC E . -12.68 2.55 11.53
CBD HEC E . -11.79 3.76 11.84
CGD HEC E . -10.97 3.45 13.08
O1D HEC E . -10.18 4.32 13.54
O2D HEC E . -10.96 2.27 13.52
FE HEC F . -28.21 9.94 7.39
CHA HEC F . -29.23 9.07 4.13
CHB HEC F . -30.86 11.98 7.63
CHC HEC F . -27.37 10.59 10.69
CHD HEC F . -25.38 8.16 7.00
NA HEC F . -29.82 10.36 6.13
C1A HEC F . -29.94 10.05 4.79
C2A HEC F . -30.96 10.91 4.22
C3A HEC F . -31.42 11.73 5.18
C4A HEC F . -30.71 11.39 6.41
CMA HEC F . -32.50 12.84 5.03
CAA HEC F . -31.38 10.85 2.74
CBA HEC F . -30.88 12.13 2.06
CGA HEC F . -29.37 12.11 1.90
O1A HEC F . -28.67 13.00 2.45
O2A HEC F . -28.89 11.25 1.13
NB HEC F . -28.96 11.05 8.89
C1B HEC F . -30.13 11.79 8.78
C2B HEC F . -30.43 12.38 10.08
C3B HEC F . -29.44 12.04 10.93
C4B HEC F . -28.51 11.17 10.19
CMB HEC F . -31.61 13.37 10.36
CAB HEC F . -29.28 12.42 12.43
CBB HEC F . -30.53 11.98 13.21
NC HEC F . -26.66 9.49 8.62
C1C HEC F . -26.51 9.81 9.94
C2C HEC F . -25.34 9.11 10.44
C3C HEC F . -24.72 8.51 9.40
C4C HEC F . -25.58 8.72 8.25
CMC HEC F . -24.76 9.46 11.81
CAC HEC F . -23.37 7.73 9.34
CBC HEC F . -23.21 6.74 10.51
ND HEC F . -27.46 8.77 5.81
C1D HEC F . -26.22 8.15 5.91
C2D HEC F . -25.93 7.45 4.67
C3D HEC F . -27.13 7.72 3.77
C4D HEC F . -28.01 8.57 4.54
CMD HEC F . -24.67 6.64 4.35
CAD HEC F . -27.33 7.20 2.32
CBD HEC F . -26.93 8.31 1.35
CGD HEC F . -27.11 7.69 -0.01
O1D HEC F . -27.66 6.55 -0.08
O2D HEC F . -26.60 8.29 -0.98
FE HEC G . 6.86 -3.65 1.35
CHA HEC G . 5.03 -6.49 2.28
CHB HEC G . 8.94 -4.15 3.99
CHC HEC G . 8.88 -1.08 0.18
CHD HEC G . 4.61 -2.95 -1.09
NA HEC G . 6.92 -5.03 2.84
C1A HEC G . 6.12 -6.14 3.03
C2A HEC G . 6.66 -6.91 4.11
C3A HEC G . 7.72 -6.24 4.61
C4A HEC G . 7.91 -5.05 3.84
CMA HEC G . 8.60 -6.60 5.84
CAA HEC G . 6.03 -8.22 4.62
CBA HEC G . 4.95 -7.91 5.69
CGA HEC G . 4.47 -9.25 6.17
O1A HEC G . 4.28 -9.42 7.40
O2A HEC G . 4.53 -10.24 5.37
NB HEC G . 8.57 -2.76 1.95
C1B HEC G . 9.29 -3.16 3.07
C2B HEC G . 10.52 -2.39 3.07
C3B HEC G . 10.52 -1.53 2.02
C4B HEC G . 9.30 -1.78 1.28
CMB HEC G . 11.54 -2.51 4.24
CAB HEC G . 11.58 -0.46 1.60
CBB HEC G . 12.99 -1.09 1.46
NC HEC G . 6.75 -2.29 -0.16
C1C HEC G . 7.68 -1.31 -0.48
C2C HEC G . 7.23 -0.60 -1.66
C3C HEC G . 6.03 -1.06 -1.99
C4C HEC G . 5.74 -2.19 -1.10
CMC HEC G . 8.00 0.63 -2.22
CAC HEC G . 5.04 -0.54 -3.08
CBC HEC G . 5.64 -0.52 -4.51
ND HEC G . 5.08 -4.57 0.73
C1D HEC G . 4.34 -4.08 -0.32
C2D HEC G . 3.20 -4.96 -0.55
C3D HEC G . 3.31 -6.03 0.50
C4D HEC G . 4.54 -5.73 1.22
CMD HEC G . 2.03 -4.80 -1.59
CAD HEC G . 2.33 -7.18 0.78
CBD HEC G . 1.59 -6.77 2.06
CGD HEC G . 0.79 -7.88 2.71
O1D HEC G . -0.09 -7.53 3.53
O2D HEC G . 0.98 -9.11 2.47
FE HEC H . 13.47 -19.42 17.55
CHA HEC H . 12.65 -20.10 14.27
CHB HEC H . 11.20 -21.71 18.57
CHC HEC H . 14.30 -18.75 20.88
CHD HEC H . 15.74 -17.09 16.56
NA HEC H . 12.11 -20.63 16.56
C1A HEC H . 11.93 -20.78 15.22
C2A HEC H . 10.94 -21.85 14.98
C3A HEC H . 10.53 -22.25 16.20
C4A HEC H . 11.29 -21.54 17.21
CMA HEC H . 9.47 -23.34 16.52
CAA HEC H . 10.45 -22.32 13.59
CBA HEC H . 9.22 -21.51 13.19
CGA HEC H . 9.61 -20.23 12.49
O1A HEC H . 8.95 -19.19 12.71
O2A HEC H . 10.56 -20.27 11.63
NB HEC H . 12.89 -20.07 19.35
C1B HEC H . 11.97 -21.10 19.54
C2B HEC H . 11.87 -21.36 20.96
C3B HEC H . 12.74 -20.57 21.58
C4B HEC H . 13.39 -19.76 20.59
CMB HEC H . 10.95 -22.40 21.63
CAB HEC H . 12.98 -20.45 23.11
CBB HEC H . 13.27 -21.87 23.68
NC HEC H . 14.82 -18.22 18.55
C1C HEC H . 14.96 -18.05 19.90
C2C HEC H . 15.79 -16.89 20.12
C3C HEC H . 16.32 -16.54 18.93
C4C HEC H . 15.61 -17.29 17.92
CMC HEC H . 16.27 -16.52 21.54
CAC HEC H . 17.25 -15.36 18.58
CBC HEC H . 18.70 -15.54 19.14
ND HEC H . 14.11 -18.77 15.72
C1D HEC H . 15.05 -17.74 15.57
C2D HEC H . 15.18 -17.40 14.18
C3D HEC H . 14.24 -18.34 13.46
C4D HEC H . 13.59 -19.11 14.49
CMD HEC H . 16.11 -16.34 13.53
CAD HEC H . 13.96 -18.39 11.93
CBD HEC H . 15.16 -19.02 11.23
CGD HEC H . 15.14 -18.75 9.73
O1D HEC H . 16.17 -19.10 9.06
O2D HEC H . 14.14 -18.21 9.18
FE HEC I . 11.54 -9.90 11.86
CHA HEC I . 10.17 -12.84 10.87
CHB HEC I . 9.90 -8.28 9.27
CHC HEC I . 12.84 -6.96 12.84
CHD HEC I . 13.09 -11.51 14.48
NA HEC I . 10.30 -10.41 10.36
C1A HEC I . 9.88 -11.73 10.13
C2A HEC I . 9.03 -11.75 8.95
C3A HEC I . 8.91 -10.48 8.53
C4A HEC I . 9.70 -9.63 9.42
CMA HEC I . 8.12 -9.94 7.34
CAA HEC I . 8.44 -13.09 8.39
CBA HEC I . 8.30 -12.99 6.87
CGA HEC I . 8.22 -14.34 6.19
O1A HEC I . 8.98 -15.26 6.56
O2A HEC I . 7.52 -14.43 5.15
NB HEC I . 11.46 -8.04 11.19
C1B HEC I . 10.75 -7.56 10.08
C2B HEC I . 10.97 -6.16 9.92
C3B HEC I . 11.75 -5.77 10.94
C4B HEC I . 12.01 -6.92 11.77
CMB HEC I . 10.37 -5.33 8.71
CAB HEC I . 12.29 -4.36 11.24
CBB HEC I . 11.13 -3.35 11.49
NC HEC I . 12.75 -9.38 13.31
C1C HEC I . 13.15 -8.07 13.59
C2C HEC I . 14.05 -8.09 14.71
C3C HEC I . 14.01 -9.30 15.24
C4C HEC I . 13.26 -10.15 14.33
CMC HEC I . 14.71 -6.80 15.29
CAC HEC I . 14.83 -9.91 16.41
CBC HEC I . 14.57 -9.16 17.74
ND HEC I . 11.58 -11.85 12.57
C1D HEC I . 12.33 -12.29 13.65
C2D HEC I . 12.05 -13.67 13.91
C3D HEC I . 11.08 -14.10 12.85
C4D HEC I . 10.91 -12.92 12.03
CMD HEC I . 12.66 -14.55 15.03
CAD HEC I . 10.55 -15.57 12.68
CBD HEC I . 9.01 -15.64 12.81
CGD HEC I . 8.39 -15.18 14.13
O1D HEC I . 7.11 -15.03 14.20
O2D HEC I . 9.14 -14.93 15.09
FE HEC J . 17.42 -4.41 -3.06
CHA HEC J . 19.64 -4.69 -0.45
CHB HEC J . 19.99 -5.12 -5.28
CHC HEC J . 15.27 -4.03 -5.73
CHD HEC J . 14.88 -3.81 -0.91
NA HEC J . 19.42 -4.89 -2.89
C1A HEC J . 20.16 -4.82 -1.71
C2A HEC J . 21.54 -5.13 -2.03
C3A HEC J . 21.61 -5.31 -3.35
C4A HEC J . 20.29 -5.14 -3.93
CMA HEC J . 22.88 -5.59 -4.15
CAA HEC J . 22.73 -5.18 -1.06
CBA HEC J . 23.27 -3.72 -1.08
CGA HEC J . 24.40 -3.56 -0.09
O1A HEC J . 24.20 -3.97 1.10
O2A HEC J . 25.51 -3.08 -0.49
NB HEC J . 17.61 -4.52 -5.13
C1B HEC J . 18.78 -4.75 -5.84
C2B HEC J . 18.48 -4.75 -7.25
C3B HEC J . 17.18 -4.41 -7.37
C4B HEC J . 16.61 -4.27 -6.04
CMB HEC J . 19.53 -4.88 -8.38
CAB HEC J . 16.38 -4.18 -8.68
CBB HEC J . 16.36 -5.35 -9.68
NC HEC J . 15.48 -3.98 -3.29
C1C HEC J . 14.77 -3.87 -4.47
C2C HEC J . 13.39 -3.60 -4.15
C3C HEC J . 13.30 -3.42 -2.81
C4C HEC J . 14.60 -3.74 -2.24
CMC HEC J . 12.34 -3.23 -5.23
CAC HEC J . 12.09 -2.98 -1.93
CBC HEC J . 10.76 -3.77 -2.07
ND HEC J . 17.28 -4.31 -0.99
C1D HEC J . 16.08 -4.13 -0.32
C2D HEC J . 16.31 -4.21 1.11
C3D HEC J . 17.81 -4.41 1.27
C4D HEC J . 18.32 -4.52 -0.10
CMD HEC J . 15.28 -3.97 2.22
CAD HEC J . 18.58 -4.53 2.60
CBD HEC J . 18.77 -3.09 3.12
CGD HEC J . 19.70 -3.06 4.31
O1D HEC J . 20.52 -3.98 4.38
O2D HEC J . 19.66 -2.11 5.17
FE HEC K . 18.44 -8.70 -11.90
CHA HEC K . 17.47 -8.87 -15.21
CHB HEC K . 21.70 -8.67 -12.87
CHC HEC K . 19.34 -8.40 -8.60
CHD HEC K . 15.10 -8.98 -10.89
NA HEC K . 19.43 -8.79 -13.74
C1A HEC K . 18.83 -8.89 -14.98
C2A HEC K . 19.90 -8.86 -15.97
C3A HEC K . 21.07 -8.79 -15.33
C4A HEC K . 20.79 -8.76 -13.89
CMA HEC K . 22.46 -8.76 -15.95
CAA HEC K . 19.69 -8.87 -17.51
CBA HEC K . 20.32 -10.13 -18.10
CGA HEC K . 19.40 -11.28 -17.81
O1A HEC K . 19.90 -12.36 -17.42
O2A HEC K . 18.16 -11.10 -17.96
NB HEC K . 20.17 -8.52 -10.92
C1B HEC K . 21.44 -8.62 -11.51
C2B HEC K . 22.43 -8.51 -10.47
C3B HEC K . 21.80 -8.46 -9.29
C4B HEC K . 20.37 -8.45 -9.55
CMB HEC K . 23.96 -8.58 -10.71
CAB HEC K . 22.51 -8.38 -7.91
CBB HEC K . 23.31 -7.06 -7.71
NC HEC K . 17.38 -8.65 -10.06
C1C HEC K . 18.00 -8.49 -8.84
C2C HEC K . 16.96 -8.50 -7.83
C3C HEC K . 15.77 -8.58 -8.44
C4C HEC K . 16.04 -8.76 -9.88
CMC HEC K . 17.27 -8.22 -6.35
CAC HEC K . 14.35 -8.66 -7.81
CBC HEC K . 14.03 -7.48 -6.88
ND HEC K . 16.60 -8.89 -12.87
C1D HEC K . 15.37 -9.06 -12.24
C2D HEC K . 14.33 -9.21 -13.24
C3D HEC K . 15.05 -9.18 -14.58
C4D HEC K . 16.46 -8.94 -14.27
CMD HEC K . 12.84 -9.47 -13.02
CAD HEC K . 14.38 -9.30 -15.96
CBD HEC K . 14.22 -7.87 -16.43
CGD HEC K . 13.72 -7.85 -17.86
O1D HEC K . 14.16 -6.91 -18.57
O2D HEC K . 12.85 -8.69 -18.23
FE HEC L . 27.26 -11.14 -13.61
CHA HEC L . 24.66 -11.89 -15.72
CHB HEC L . 25.34 -11.76 -10.92
CHC HEC L . 30.09 -10.92 -11.50
CHD HEC L . 29.11 -9.95 -16.13
NA HEC L . 25.35 -11.67 -13.39
C1A HEC L . 24.41 -11.87 -14.37
C2A HEC L . 23.12 -12.07 -13.71
C3A HEC L . 23.33 -12.07 -12.38
C4A HEC L . 24.73 -11.78 -12.16
CMA HEC L . 22.27 -12.24 -11.25
CAA HEC L . 21.80 -12.37 -14.46
CBA HEC L . 21.77 -13.89 -14.62
CGA HEC L . 20.42 -14.37 -15.07
O1A HEC L . 20.24 -14.65 -16.28
O2A HEC L . 19.51 -14.52 -14.22
NB HEC L . 27.67 -11.30 -11.56
C1B HEC L . 26.70 -11.67 -10.65
C2B HEC L . 27.37 -11.95 -9.39
C3B HEC L . 28.67 -11.67 -9.53
C4B HEC L . 28.90 -11.30 -10.92
CMB HEC L . 26.68 -12.31 -8.07
CAB HEC L . 29.75 -11.85 -8.44
CBB HEC L . 29.84 -13.34 -8.03
NC HEC L . 29.24 -10.59 -13.76
C1C HEC L . 30.22 -10.52 -12.82
C2C HEC L . 31.38 -9.87 -13.40
C3C HEC L . 31.17 -9.79 -14.73
C4C HEC L . 29.77 -10.11 -14.94
CMC HEC L . 32.73 -9.87 -12.65
CAC HEC L . 32.07 -9.26 -15.88
CBC HEC L . 33.59 -9.46 -15.65
ND HEC L . 26.91 -10.94 -15.63
C1D HEC L . 27.87 -10.44 -16.48
C2D HEC L . 27.39 -10.50 -17.84
C3D HEC L . 25.98 -11.11 -17.74
C4D HEC L . 25.79 -11.38 -16.32
CMD HEC L . 28.18 -10.03 -19.09
CAD HEC L . 24.96 -11.44 -18.88
CBD HEC L . 24.14 -10.20 -19.24
CGD HEC L . 23.07 -10.46 -20.30
O1D HEC L . 22.97 -11.61 -20.82
O2D HEC L . 22.25 -9.54 -20.58
CA CA M . -19.26 -8.01 -17.36
MG MG N . 7.33 -14.23 16.56
MG MG O . 15.27 -1.54 39.77
FE FE P . 17.88 -26.51 16.28
FE FE Q . 14.87 -26.55 17.25
O O R . 16.38 -25.33 16.92
N NTA S . 20.38 -27.08 14.99
C6 NTA S . 19.55 -28.27 14.83
C10 NTA S . 21.17 -26.92 16.23
CA NTA S . 20.52 -26.12 13.86
C7 NTA S . 19.31 -29.01 16.15
O8 NTA S . 18.45 -28.60 16.97
O9 NTA S . 19.95 -30.06 16.36
C NTA S . 19.19 -25.49 13.47
C11 NTA S . 20.83 -25.69 17.04
O12 NTA S . 20.01 -25.74 17.99
O13 NTA S . 21.49 -24.65 16.80
OXT NTA S . 18.85 -25.25 12.26
O NTA S . 18.43 -25.29 14.44
N NTA T . 12.22 -27.24 17.71
C6 NTA T . 12.02 -26.37 18.88
C10 NTA T . 12.86 -28.55 17.80
CA NTA T . 11.46 -26.97 16.49
C7 NTA T . 13.18 -25.44 19.27
O8 NTA T . 14.18 -25.34 18.55
O9 NTA T . 13.13 -24.82 20.33
C NTA T . 12.07 -25.94 15.57
C11 NTA T . 14.00 -28.67 18.82
O12 NTA T . 15.17 -28.39 18.48
O13 NTA T . 13.74 -29.11 19.94
OXT NTA T . 13.12 -25.31 15.88
O NTA T . 11.49 -25.71 14.49
FE FE U . 7.41 13.09 7.84
FE FE V . 4.41 12.62 9.02
O O W . 5.70 13.62 8.44
N NTA X . 2.22 11.39 9.59
C6 NTA X . 1.24 12.46 9.62
C10 NTA X . 2.37 10.69 8.32
CA NTA X . 2.67 10.71 10.81
C7 NTA X . 1.80 13.82 9.88
O8 NTA X . 3.02 14.03 9.71
O9 NTA X . 1.03 14.71 10.27
C NTA X . 4.00 11.13 11.49
C11 NTA X . 2.56 11.65 7.16
O12 NTA X . 2.04 11.37 6.07
O13 NTA X . 3.26 12.69 7.29
OXT NTA X . 4.80 11.98 10.97
O NTA X . 4.24 10.65 12.65
N NTA Y . 9.86 12.59 7.28
C6 NTA Y . 10.55 13.88 7.45
C10 NTA Y . 10.15 11.51 8.23
CA NTA Y . 9.18 12.23 6.04
C7 NTA Y . 9.93 14.83 8.47
O8 NTA Y . 10.63 15.80 8.84
O9 NTA Y . 8.75 14.72 8.87
C NTA Y . 8.37 13.33 5.39
C11 NTA Y . 9.14 11.29 9.31
O12 NTA Y . 9.24 10.19 9.91
O13 NTA Y . 8.23 12.15 9.59
OXT NTA Y . 7.34 13.81 5.97
O NTA Y . 8.67 13.62 4.22
C1 GOL Z . -30.05 -3.34 14.23
O1 GOL Z . -28.80 -2.65 14.20
C2 GOL Z . -29.96 -4.79 13.72
O2 GOL Z . -29.46 -5.60 14.76
C3 GOL Z . -29.10 -4.88 12.44
O3 GOL Z . -28.99 -6.16 11.84
C1 GOL AA . -15.28 -3.18 -21.29
O1 GOL AA . -14.19 -3.85 -20.68
C2 GOL AA . -14.82 -2.14 -22.35
O2 GOL AA . -13.47 -1.80 -22.17
C3 GOL AA . -15.64 -0.86 -22.25
O3 GOL AA . -16.69 -0.91 -23.18
C1 GOL BA . -0.70 14.05 3.37
O1 GOL BA . -1.27 13.26 4.39
C2 GOL BA . -1.45 13.90 2.04
O2 GOL BA . -2.78 13.43 2.19
C3 GOL BA . -0.71 12.98 1.07
O3 GOL BA . -1.23 13.20 -0.23
C1 GOL CA . 2.94 -18.75 -0.03
O1 GOL CA . 3.08 -18.46 1.36
C2 GOL CA . 3.82 -17.94 -0.99
O2 GOL CA . 3.23 -16.70 -1.22
C3 GOL CA . 3.87 -18.68 -2.35
O3 GOL CA . 4.15 -17.78 -3.41
#